data_6GJG
#
_entry.id   6GJG
#
_cell.length_a   58.730
_cell.length_b   162.950
_cell.length_c   64.740
_cell.angle_alpha   90.00
_cell.angle_beta   112.90
_cell.angle_gamma   90.00
#
_symmetry.space_group_name_H-M   'P 1 21 1'
#
loop_
_entity.id
_entity.type
_entity.pdbx_description
1 polymer 'Dihydroorotate dehydrogenase (quinone), mitochondrial'
2 non-polymer 'FLAVIN MONONUCLEOTIDE'
3 non-polymer 'OROTIC ACID'
4 non-polymer 3,6-dimethyl-~{N}-[4-(trifluoromethyl)phenyl]-[1,2]oxazolo[5,4-d]pyrimidin-4-amine
5 water water
#
_entity_poly.entity_id   1
_entity_poly.type   'polypeptide(L)'
_entity_poly.pdbx_seq_one_letter_code
;MGHHHHHHAENLYFQGADPFESYNPEFFLYDIFLKFCLKYIDGEICHDLFLLLGKYNILPYDTSNDSIYACTNIKHLDFI
NPFGVAAGFDKNGVCIDSILKLGFSFIEIGTITPRGQTGNAKPRIFRDVESRSIINSCGFNNMGCDKVTENLILFRKRQE
EDKLLSKHIVGVSIGKNKDTVNIVDDLKYCINKIGRYADYIAINVSSPNTPGLRDNQEAGKLKNIILSVKEEIDNLEKNN
IMNDEFLWFNTTKKKPLVFVKLAPDLNQEQKKEIADVLLETNIDGMIISNTTTQINDIKSFENKKGGVSGAKLKDISTKF
ICEMYNYTNKQIPIIASGGIFSGLDALEKIEAGASVCQLYSCLVFNGMKSAVQIKRELNHLLYQRGYYNLKEAIGRKHSK
S
;
_entity_poly.pdbx_strand_id   A,B
#
loop_
_chem_comp.id
_chem_comp.type
_chem_comp.name
_chem_comp.formula
F1T non-polymer 3,6-dimethyl-~{N}-[4-(trifluoromethyl)phenyl]-[1,2]oxazolo[5,4-d]pyrimidin-4-amine 'C14 H11 F3 N4 O'
FMN non-polymer 'FLAVIN MONONUCLEOTIDE' 'C17 H21 N4 O9 P'
ORO non-polymer 'OROTIC ACID' 'C5 H4 N2 O4'
#
# COMPACT_ATOMS: atom_id res chain seq x y z
N ASN A 24 -35.63 -19.85 11.99
CA ASN A 24 -36.34 -20.10 10.73
C ASN A 24 -35.50 -20.95 9.74
N PRO A 25 -34.21 -20.61 9.40
CA PRO A 25 -33.44 -21.47 8.47
C PRO A 25 -33.00 -22.82 9.07
N GLU A 26 -33.31 -23.02 10.37
CA GLU A 26 -33.00 -24.23 11.13
C GLU A 26 -34.24 -25.14 11.27
N PHE A 27 -35.34 -24.83 10.52
CA PHE A 27 -36.58 -25.63 10.48
C PHE A 27 -36.16 -27.00 9.97
N PHE A 28 -36.61 -28.08 10.66
CA PHE A 28 -36.23 -29.45 10.32
C PHE A 28 -36.63 -29.87 8.90
N LEU A 29 -37.64 -29.18 8.29
CA LEU A 29 -38.16 -29.43 6.94
C LEU A 29 -37.10 -29.26 5.85
N TYR A 30 -36.32 -28.16 5.92
CA TYR A 30 -35.27 -27.86 4.95
C TYR A 30 -34.17 -28.93 4.92
N ASP A 31 -33.76 -29.42 6.11
CA ASP A 31 -32.75 -30.46 6.31
C ASP A 31 -33.16 -31.81 5.68
N ILE A 32 -34.47 -32.16 5.70
CA ILE A 32 -34.97 -33.39 5.07
C ILE A 32 -34.91 -33.19 3.55
N PHE A 33 -35.31 -31.99 3.08
CA PHE A 33 -35.30 -31.68 1.65
C PHE A 33 -33.90 -31.70 1.07
N LEU A 34 -32.91 -31.10 1.78
CA LEU A 34 -31.52 -31.08 1.35
C LEU A 34 -30.93 -32.49 1.30
N LYS A 35 -31.08 -33.28 2.39
CA LYS A 35 -30.58 -34.66 2.46
C LYS A 35 -31.16 -35.50 1.32
N PHE A 36 -32.40 -35.18 0.87
CA PHE A 36 -33.05 -35.85 -0.26
C PHE A 36 -32.38 -35.39 -1.55
N CYS A 37 -32.28 -34.07 -1.74
CA CYS A 37 -31.64 -33.45 -2.89
C CYS A 37 -30.24 -34.01 -3.13
N LEU A 38 -29.46 -34.15 -2.04
CA LEU A 38 -28.10 -34.67 -2.06
C LEU A 38 -28.02 -36.14 -2.49
N LYS A 39 -29.06 -36.93 -2.17
CA LYS A 39 -29.08 -38.34 -2.53
C LYS A 39 -29.59 -38.64 -3.93
N TYR A 40 -30.70 -37.99 -4.37
CA TYR A 40 -31.33 -38.33 -5.65
C TYR A 40 -31.32 -37.26 -6.75
N ILE A 41 -30.92 -36.00 -6.46
CA ILE A 41 -31.01 -34.99 -7.53
C ILE A 41 -29.61 -34.48 -7.92
N ASP A 42 -29.39 -34.25 -9.24
CA ASP A 42 -28.14 -33.71 -9.80
C ASP A 42 -27.83 -32.39 -9.10
N GLY A 43 -26.55 -32.17 -8.79
CA GLY A 43 -26.03 -31.00 -8.10
C GLY A 43 -26.40 -29.67 -8.70
N GLU A 44 -26.11 -29.48 -10.00
CA GLU A 44 -26.42 -28.23 -10.70
C GLU A 44 -27.93 -27.95 -10.76
N ILE A 45 -28.78 -29.01 -10.88
CA ILE A 45 -30.24 -28.88 -10.85
C ILE A 45 -30.68 -28.40 -9.45
N CYS A 46 -30.17 -29.03 -8.36
CA CYS A 46 -30.43 -28.61 -6.99
C CYS A 46 -30.12 -27.11 -6.81
N HIS A 47 -28.90 -26.70 -7.22
CA HIS A 47 -28.39 -25.33 -7.12
C HIS A 47 -29.29 -24.32 -7.85
N ASP A 48 -29.65 -24.60 -9.13
CA ASP A 48 -30.53 -23.73 -9.95
C ASP A 48 -31.98 -23.70 -9.44
N LEU A 49 -32.41 -24.77 -8.75
CA LEU A 49 -33.73 -24.85 -8.14
C LEU A 49 -33.75 -23.95 -6.91
N PHE A 50 -32.71 -24.05 -6.05
CA PHE A 50 -32.55 -23.27 -4.83
C PHE A 50 -32.36 -21.79 -5.12
N LEU A 51 -31.82 -21.47 -6.31
CA LEU A 51 -31.63 -20.08 -6.74
C LEU A 51 -32.94 -19.51 -7.19
N LEU A 52 -33.76 -20.34 -7.87
CA LEU A 52 -35.11 -20.02 -8.33
C LEU A 52 -36.02 -19.76 -7.10
N LEU A 53 -35.83 -20.56 -6.01
CA LEU A 53 -36.58 -20.39 -4.76
C LEU A 53 -36.28 -19.03 -4.15
N GLY A 54 -35.00 -18.65 -4.17
CA GLY A 54 -34.55 -17.35 -3.67
C GLY A 54 -34.98 -16.19 -4.53
N LYS A 55 -35.14 -16.43 -5.85
CA LYS A 55 -35.55 -15.43 -6.85
C LYS A 55 -36.96 -14.91 -6.57
N TYR A 56 -37.82 -15.74 -5.93
CA TYR A 56 -39.21 -15.42 -5.58
C TYR A 56 -39.40 -15.23 -4.08
N ASN A 57 -38.27 -15.09 -3.35
CA ASN A 57 -38.16 -14.84 -1.91
C ASN A 57 -38.98 -15.85 -1.06
N ILE A 58 -38.83 -17.15 -1.36
CA ILE A 58 -39.56 -18.21 -0.64
C ILE A 58 -38.66 -18.94 0.40
N LEU A 59 -37.38 -18.54 0.47
CA LEU A 59 -36.39 -19.10 1.39
C LEU A 59 -36.49 -18.50 2.82
N PRO A 60 -36.09 -19.24 3.89
CA PRO A 60 -36.16 -18.66 5.25
C PRO A 60 -35.17 -17.51 5.53
N TYR A 61 -35.55 -16.61 6.45
CA TYR A 61 -34.82 -15.40 6.89
C TYR A 61 -34.05 -15.68 8.18
N ASP A 62 -32.99 -14.87 8.48
CA ASP A 62 -32.29 -14.95 9.75
C ASP A 62 -32.69 -13.74 10.59
N THR A 63 -33.24 -14.03 11.76
CA THR A 63 -33.78 -13.03 12.68
C THR A 63 -32.72 -12.52 13.67
N SER A 64 -31.69 -13.34 13.92
CA SER A 64 -30.57 -13.07 14.82
C SER A 64 -29.85 -11.75 14.59
N ASN A 65 -29.60 -11.06 15.70
CA ASN A 65 -28.82 -9.82 15.73
C ASN A 65 -27.39 -10.28 16.02
N ASP A 66 -26.52 -10.18 15.01
CA ASP A 66 -25.13 -10.61 15.06
C ASP A 66 -24.32 -9.93 16.17
N SER A 67 -23.37 -10.67 16.75
CA SER A 67 -22.48 -10.21 17.83
C SER A 67 -21.55 -9.07 17.40
N ILE A 68 -21.50 -7.99 18.21
CA ILE A 68 -20.61 -6.84 17.99
C ILE A 68 -19.15 -7.27 18.19
N TYR A 69 -18.96 -8.43 18.86
CA TYR A 69 -17.67 -9.04 19.13
C TYR A 69 -17.18 -9.92 17.95
N ALA A 70 -18.09 -10.30 17.01
CA ALA A 70 -17.75 -11.12 15.86
C ALA A 70 -17.68 -10.29 14.56
N CYS A 71 -17.88 -8.96 14.68
CA CYS A 71 -17.76 -8.00 13.58
C CYS A 71 -16.32 -8.01 13.06
N THR A 72 -16.11 -7.54 11.83
CA THR A 72 -14.75 -7.53 11.25
C THR A 72 -14.66 -6.53 10.11
N ASN A 73 -13.44 -6.23 9.65
CA ASN A 73 -13.24 -5.30 8.55
C ASN A 73 -12.00 -5.57 7.75
N ILE A 74 -12.02 -5.07 6.51
CA ILE A 74 -10.92 -5.01 5.57
C ILE A 74 -10.98 -3.56 5.08
N LYS A 75 -10.05 -2.71 5.57
CA LYS A 75 -10.01 -1.26 5.30
C LYS A 75 -11.38 -0.68 5.76
N HIS A 76 -12.10 0.05 4.89
CA HIS A 76 -13.40 0.65 5.19
C HIS A 76 -14.60 -0.33 5.05
N LEU A 77 -14.35 -1.57 4.55
CA LEU A 77 -15.38 -2.60 4.41
C LEU A 77 -15.76 -3.08 5.82
N ASP A 78 -16.96 -2.70 6.30
CA ASP A 78 -17.45 -3.10 7.63
C ASP A 78 -18.40 -4.30 7.62
N PHE A 79 -17.86 -5.49 7.87
CA PHE A 79 -18.61 -6.74 7.86
C PHE A 79 -19.43 -6.86 9.16
N ILE A 80 -20.76 -7.04 9.05
CA ILE A 80 -21.65 -7.15 10.24
C ILE A 80 -21.41 -8.46 11.01
N ASN A 81 -20.87 -9.47 10.32
CA ASN A 81 -20.47 -10.76 10.84
C ASN A 81 -19.28 -11.29 9.98
N PRO A 82 -18.53 -12.32 10.41
CA PRO A 82 -17.37 -12.76 9.61
C PRO A 82 -17.65 -13.73 8.45
N PHE A 83 -18.94 -13.94 8.08
CA PHE A 83 -19.28 -14.93 7.06
C PHE A 83 -19.99 -14.39 5.81
N GLY A 84 -19.37 -14.71 4.67
CA GLY A 84 -19.92 -14.40 3.37
C GLY A 84 -20.04 -15.62 2.47
N VAL A 85 -20.67 -15.40 1.30
CA VAL A 85 -20.83 -16.43 0.31
C VAL A 85 -19.78 -16.22 -0.80
N ALA A 86 -18.99 -17.28 -1.05
CA ALA A 86 -17.91 -17.30 -2.02
C ALA A 86 -18.47 -17.11 -3.44
N ALA A 87 -17.60 -16.64 -4.36
CA ALA A 87 -17.95 -16.49 -5.77
C ALA A 87 -18.34 -17.88 -6.37
N GLY A 88 -19.19 -17.84 -7.41
CA GLY A 88 -19.68 -19.02 -8.13
C GLY A 88 -20.94 -19.62 -7.57
N PHE A 89 -21.51 -18.97 -6.56
CA PHE A 89 -22.75 -19.42 -5.95
C PHE A 89 -23.86 -18.71 -6.72
N ASP A 90 -23.96 -17.37 -6.55
CA ASP A 90 -24.88 -16.60 -7.32
C ASP A 90 -24.01 -15.91 -8.38
N LYS A 91 -23.64 -16.69 -9.43
CA LYS A 91 -22.83 -16.22 -10.57
C LYS A 91 -23.45 -14.99 -11.29
N ASN A 92 -24.79 -14.94 -11.36
CA ASN A 92 -25.50 -13.90 -12.10
C ASN A 92 -26.13 -12.80 -11.26
N GLY A 93 -26.02 -12.90 -9.94
CA GLY A 93 -26.59 -11.93 -9.01
C GLY A 93 -28.10 -11.85 -9.13
N VAL A 94 -28.76 -13.01 -9.16
CA VAL A 94 -30.22 -13.15 -9.31
C VAL A 94 -30.92 -13.42 -7.96
N CYS A 95 -30.11 -13.73 -6.97
CA CYS A 95 -30.53 -14.24 -5.68
C CYS A 95 -29.77 -13.56 -4.49
N ILE A 96 -29.26 -12.32 -4.71
CA ILE A 96 -28.47 -11.56 -3.72
C ILE A 96 -29.24 -11.37 -2.41
N ASP A 97 -30.44 -10.80 -2.48
CA ASP A 97 -31.30 -10.52 -1.32
C ASP A 97 -31.53 -11.75 -0.45
N SER A 98 -31.96 -12.86 -1.07
CA SER A 98 -32.27 -14.09 -0.38
C SER A 98 -31.07 -14.75 0.27
N ILE A 99 -29.95 -14.86 -0.45
CA ILE A 99 -28.75 -15.48 0.08
C ILE A 99 -28.22 -14.71 1.31
N LEU A 100 -28.11 -13.38 1.20
CA LEU A 100 -27.68 -12.51 2.30
C LEU A 100 -28.57 -12.68 3.52
N LYS A 101 -29.90 -12.81 3.32
CA LYS A 101 -30.91 -12.94 4.38
C LYS A 101 -30.85 -14.28 5.14
N LEU A 102 -30.06 -15.26 4.66
CA LEU A 102 -29.83 -16.53 5.36
C LEU A 102 -28.93 -16.32 6.61
N GLY A 103 -28.28 -15.15 6.69
CA GLY A 103 -27.43 -14.76 7.80
C GLY A 103 -26.01 -14.39 7.45
N PHE A 104 -25.75 -14.09 6.17
CA PHE A 104 -24.42 -13.74 5.67
C PHE A 104 -24.21 -12.23 5.63
N SER A 105 -23.01 -11.76 5.99
CA SER A 105 -22.70 -10.33 5.97
C SER A 105 -22.45 -9.83 4.53
N PHE A 106 -21.96 -10.72 3.66
CA PHE A 106 -21.63 -10.36 2.29
C PHE A 106 -21.73 -11.49 1.29
N ILE A 107 -21.61 -11.16 0.00
CA ILE A 107 -21.62 -12.10 -1.12
C ILE A 107 -20.73 -11.55 -2.23
N GLU A 108 -20.02 -12.45 -2.93
CA GLU A 108 -19.17 -12.13 -4.07
C GLU A 108 -19.93 -12.70 -5.27
N ILE A 109 -20.47 -11.84 -6.16
CA ILE A 109 -21.22 -12.35 -7.32
C ILE A 109 -20.23 -12.65 -8.45
N GLY A 110 -20.68 -13.39 -9.45
CA GLY A 110 -19.81 -13.82 -10.53
C GLY A 110 -19.15 -15.14 -10.13
N THR A 111 -18.01 -15.50 -10.77
CA THR A 111 -17.23 -14.74 -11.75
C THR A 111 -17.99 -14.44 -13.05
N ILE A 112 -18.01 -13.16 -13.42
CA ILE A 112 -18.58 -12.64 -14.65
C ILE A 112 -17.45 -12.48 -15.67
N THR A 113 -17.83 -12.54 -16.96
CA THR A 113 -16.98 -12.35 -18.12
C THR A 113 -17.72 -11.32 -19.02
N PRO A 114 -17.00 -10.53 -19.83
CA PRO A 114 -17.66 -9.56 -20.71
C PRO A 114 -18.89 -10.10 -21.45
N ARG A 115 -18.69 -11.18 -22.22
CA ARG A 115 -19.76 -11.85 -22.94
C ARG A 115 -20.19 -13.03 -22.06
N GLY A 116 -21.46 -13.36 -22.10
CA GLY A 116 -22.01 -14.51 -21.39
C GLY A 116 -21.46 -15.82 -21.90
N GLN A 117 -21.43 -16.86 -21.06
CA GLN A 117 -20.93 -18.17 -21.46
C GLN A 117 -21.82 -19.28 -20.94
N THR A 118 -21.99 -20.39 -21.69
CA THR A 118 -22.80 -21.50 -21.14
C THR A 118 -21.95 -22.43 -20.28
N GLY A 119 -20.63 -22.36 -20.47
CA GLY A 119 -19.64 -23.13 -19.73
C GLY A 119 -19.31 -24.46 -20.38
N ASN A 120 -18.55 -25.32 -19.66
CA ASN A 120 -18.15 -26.66 -20.13
C ASN A 120 -19.36 -27.61 -20.14
N ALA A 121 -19.24 -28.81 -20.76
CA ALA A 121 -20.35 -29.76 -20.87
C ALA A 121 -20.90 -30.25 -19.52
N LYS A 122 -22.23 -30.45 -19.45
CA LYS A 122 -22.95 -30.96 -18.28
C LYS A 122 -23.10 -32.51 -18.37
N PRO A 123 -23.12 -33.26 -17.25
CA PRO A 123 -22.96 -32.81 -15.84
C PRO A 123 -21.55 -32.37 -15.52
N ARG A 124 -21.42 -31.20 -14.85
CA ARG A 124 -20.10 -30.68 -14.51
C ARG A 124 -19.91 -30.39 -13.03
N ILE A 125 -20.87 -30.78 -12.15
CA ILE A 125 -20.75 -30.59 -10.69
C ILE A 125 -21.04 -31.92 -10.02
N PHE A 126 -20.10 -32.42 -9.21
CA PHE A 126 -20.27 -33.72 -8.55
C PHE A 126 -19.92 -33.62 -7.05
N ARG A 127 -20.64 -34.42 -6.23
CA ARG A 127 -20.43 -34.41 -4.78
C ARG A 127 -20.01 -35.76 -4.24
N ASP A 128 -19.33 -35.74 -3.08
CA ASP A 128 -18.98 -36.89 -2.28
C ASP A 128 -19.35 -36.48 -0.85
N VAL A 129 -20.53 -36.95 -0.41
CA VAL A 129 -21.10 -36.59 0.89
C VAL A 129 -20.23 -37.09 2.06
N GLU A 130 -19.69 -38.33 1.96
CA GLU A 130 -18.82 -38.93 2.97
C GLU A 130 -17.60 -38.05 3.26
N SER A 131 -16.97 -37.50 2.21
CA SER A 131 -15.80 -36.64 2.38
C SER A 131 -16.15 -35.17 2.46
N ARG A 132 -17.46 -34.82 2.33
CA ARG A 132 -18.00 -33.44 2.27
C ARG A 132 -17.24 -32.66 1.20
N SER A 133 -17.03 -33.29 0.02
CA SER A 133 -16.27 -32.67 -1.06
C SER A 133 -17.05 -32.54 -2.36
N ILE A 134 -16.67 -31.51 -3.16
CA ILE A 134 -17.28 -31.19 -4.44
C ILE A 134 -16.15 -31.06 -5.50
N ILE A 135 -16.46 -31.45 -6.76
CA ILE A 135 -15.60 -31.26 -7.94
C ILE A 135 -16.46 -30.57 -9.00
N ASN A 136 -15.88 -29.60 -9.71
CA ASN A 136 -16.63 -28.87 -10.72
C ASN A 136 -15.77 -28.50 -11.90
N SER A 137 -16.36 -28.49 -13.11
CA SER A 137 -15.70 -28.05 -14.33
C SER A 137 -16.70 -27.14 -15.05
N CYS A 138 -17.12 -26.07 -14.34
CA CYS A 138 -18.19 -25.19 -14.84
C CYS A 138 -17.76 -24.39 -16.08
N GLY A 139 -16.55 -23.81 -16.02
CA GLY A 139 -16.00 -23.02 -17.11
C GLY A 139 -16.57 -21.63 -17.22
N PHE A 140 -16.82 -20.97 -16.08
CA PHE A 140 -17.34 -19.58 -16.00
C PHE A 140 -18.66 -19.41 -16.75
N ASN A 141 -19.65 -20.22 -16.39
CA ASN A 141 -20.99 -20.08 -16.92
C ASN A 141 -21.61 -18.81 -16.29
N ASN A 142 -22.09 -17.87 -17.10
CA ASN A 142 -22.73 -16.63 -16.61
C ASN A 142 -23.41 -15.91 -17.75
N MET A 143 -24.34 -14.99 -17.40
CA MET A 143 -25.15 -14.17 -18.30
C MET A 143 -24.35 -13.08 -19.00
N GLY A 144 -23.12 -12.86 -18.55
CA GLY A 144 -22.25 -11.85 -19.13
C GLY A 144 -22.35 -10.60 -18.31
N CYS A 145 -21.30 -9.79 -18.38
CA CYS A 145 -21.14 -8.59 -17.57
C CYS A 145 -22.36 -7.68 -17.56
N ASP A 146 -22.89 -7.38 -18.74
CA ASP A 146 -23.99 -6.47 -18.98
C ASP A 146 -25.32 -6.86 -18.35
N LYS A 147 -25.71 -8.13 -18.43
CA LYS A 147 -26.95 -8.64 -17.83
C LYS A 147 -26.79 -8.68 -16.31
N VAL A 148 -25.65 -9.20 -15.83
CA VAL A 148 -25.32 -9.26 -14.39
C VAL A 148 -25.27 -7.86 -13.79
N THR A 149 -24.74 -6.86 -14.51
CA THR A 149 -24.74 -5.45 -14.05
C THR A 149 -26.17 -4.95 -13.84
N GLU A 150 -27.10 -5.33 -14.76
CA GLU A 150 -28.53 -5.00 -14.72
C GLU A 150 -29.15 -5.60 -13.45
N ASN A 151 -28.73 -6.85 -13.12
CA ASN A 151 -29.15 -7.62 -11.95
C ASN A 151 -28.64 -7.00 -10.66
N LEU A 152 -27.41 -6.44 -10.67
CA LEU A 152 -26.86 -5.79 -9.50
C LEU A 152 -27.48 -4.41 -9.26
N ILE A 153 -27.71 -3.62 -10.35
CA ILE A 153 -28.36 -2.32 -10.30
C ILE A 153 -29.73 -2.46 -9.60
N LEU A 154 -30.50 -3.53 -9.93
CA LEU A 154 -31.82 -3.81 -9.35
C LEU A 154 -31.71 -4.07 -7.84
N PHE A 155 -30.68 -4.83 -7.40
CA PHE A 155 -30.43 -5.08 -5.99
C PHE A 155 -30.07 -3.77 -5.29
N ARG A 156 -29.22 -2.95 -5.91
CA ARG A 156 -28.79 -1.70 -5.29
C ARG A 156 -29.96 -0.70 -5.10
N LYS A 157 -30.97 -0.75 -5.97
CA LYS A 157 -32.17 0.07 -5.88
C LYS A 157 -33.09 -0.47 -4.78
N ARG A 158 -33.10 -1.82 -4.59
CA ARG A 158 -33.85 -2.54 -3.54
C ARG A 158 -33.25 -2.20 -2.17
N GLN A 159 -31.90 -2.17 -2.08
CA GLN A 159 -31.08 -1.84 -0.91
C GLN A 159 -31.39 -0.44 -0.38
N GLU A 160 -31.73 0.52 -1.27
CA GLU A 160 -32.11 1.89 -0.91
C GLU A 160 -33.41 1.88 -0.10
N GLU A 161 -34.41 1.11 -0.55
CA GLU A 161 -35.69 0.95 0.12
C GLU A 161 -35.63 0.05 1.37
N ASP A 162 -34.85 -1.06 1.34
CA ASP A 162 -34.76 -2.01 2.45
C ASP A 162 -33.56 -1.73 3.37
N LYS A 163 -33.85 -1.16 4.57
CA LYS A 163 -32.86 -0.84 5.63
C LYS A 163 -32.17 -2.11 6.17
N LEU A 164 -32.85 -3.28 6.04
CA LEU A 164 -32.34 -4.59 6.49
C LEU A 164 -31.07 -5.00 5.73
N LEU A 165 -30.90 -4.50 4.51
CA LEU A 165 -29.76 -4.82 3.65
C LEU A 165 -28.74 -3.66 3.56
N SER A 166 -28.95 -2.59 4.33
CA SER A 166 -28.15 -1.37 4.33
C SER A 166 -26.65 -1.58 4.55
N LYS A 167 -26.29 -2.48 5.47
CA LYS A 167 -24.90 -2.75 5.85
C LYS A 167 -24.28 -3.97 5.18
N HIS A 168 -25.08 -4.71 4.37
CA HIS A 168 -24.63 -5.91 3.68
C HIS A 168 -23.75 -5.54 2.48
N ILE A 169 -22.63 -6.27 2.30
CA ILE A 169 -21.61 -6.03 1.26
C ILE A 169 -21.77 -6.95 0.01
N VAL A 170 -21.53 -6.39 -1.18
CA VAL A 170 -21.54 -7.14 -2.42
C VAL A 170 -20.24 -6.90 -3.18
N GLY A 171 -19.45 -7.97 -3.33
CA GLY A 171 -18.26 -8.02 -4.18
C GLY A 171 -18.62 -8.57 -5.55
N VAL A 172 -17.73 -8.32 -6.54
CA VAL A 172 -17.92 -8.83 -7.91
C VAL A 172 -16.62 -9.46 -8.37
N SER A 173 -16.66 -10.77 -8.68
CA SER A 173 -15.54 -11.53 -9.22
C SER A 173 -15.56 -11.36 -10.76
N ILE A 174 -14.40 -10.99 -11.33
CA ILE A 174 -14.24 -10.74 -12.75
C ILE A 174 -13.17 -11.66 -13.34
N GLY A 175 -13.42 -12.14 -14.55
CA GLY A 175 -12.52 -13.03 -15.26
C GLY A 175 -12.46 -12.69 -16.72
N LYS A 176 -12.01 -13.67 -17.53
CA LYS A 176 -11.96 -13.51 -18.98
C LYS A 176 -12.83 -14.54 -19.61
N ASN A 177 -13.28 -14.26 -20.85
CA ASN A 177 -13.97 -15.21 -21.69
C ASN A 177 -12.91 -16.20 -22.16
N LYS A 178 -13.30 -17.47 -22.32
CA LYS A 178 -12.48 -18.61 -22.75
C LYS A 178 -11.49 -18.24 -23.87
N ASP A 179 -12.00 -17.63 -24.97
CA ASP A 179 -11.22 -17.28 -26.17
C ASP A 179 -10.45 -15.94 -26.12
N THR A 180 -10.58 -15.15 -25.03
CA THR A 180 -9.90 -13.89 -24.90
C THR A 180 -8.39 -14.12 -24.75
N VAL A 181 -7.60 -13.51 -25.67
CA VAL A 181 -6.14 -13.61 -25.68
C VAL A 181 -5.54 -12.81 -24.52
N ASN A 182 -5.95 -11.53 -24.36
CA ASN A 182 -5.46 -10.62 -23.34
C ASN A 182 -6.46 -10.34 -22.19
N ILE A 183 -6.32 -11.05 -21.07
CA ILE A 183 -7.18 -10.94 -19.87
C ILE A 183 -7.53 -9.51 -19.43
N VAL A 184 -6.56 -8.58 -19.53
CA VAL A 184 -6.74 -7.21 -19.06
C VAL A 184 -7.92 -6.52 -19.78
N ASP A 185 -8.08 -6.80 -21.08
CA ASP A 185 -9.19 -6.26 -21.88
C ASP A 185 -10.56 -6.59 -21.24
N ASP A 186 -10.75 -7.85 -20.85
CA ASP A 186 -11.94 -8.34 -20.18
C ASP A 186 -12.12 -7.78 -18.77
N LEU A 187 -11.01 -7.63 -18.02
CA LEU A 187 -11.08 -7.09 -16.67
C LEU A 187 -11.49 -5.63 -16.73
N LYS A 188 -10.92 -4.87 -17.69
CA LYS A 188 -11.24 -3.45 -17.91
C LYS A 188 -12.71 -3.27 -18.30
N TYR A 189 -13.24 -4.13 -19.20
CA TYR A 189 -14.62 -4.11 -19.64
C TYR A 189 -15.56 -4.23 -18.45
N CYS A 190 -15.34 -5.27 -17.62
CA CYS A 190 -16.13 -5.51 -16.42
C CYS A 190 -16.09 -4.34 -15.45
N ILE A 191 -14.92 -3.73 -15.21
CA ILE A 191 -14.79 -2.58 -14.30
C ILE A 191 -15.60 -1.39 -14.79
N ASN A 192 -15.51 -1.14 -16.10
CA ASN A 192 -16.22 -0.02 -16.73
C ASN A 192 -17.73 -0.16 -16.70
N LYS A 193 -18.27 -1.38 -16.56
CA LYS A 193 -19.70 -1.59 -16.52
C LYS A 193 -20.24 -1.75 -15.11
N ILE A 194 -19.64 -2.65 -14.31
CA ILE A 194 -20.12 -3.01 -12.97
C ILE A 194 -19.35 -2.36 -11.77
N GLY A 195 -18.15 -1.81 -11.99
CA GLY A 195 -17.33 -1.23 -10.94
C GLY A 195 -18.08 -0.36 -9.93
N ARG A 196 -18.86 0.60 -10.46
CA ARG A 196 -19.69 1.60 -9.75
C ARG A 196 -20.62 1.01 -8.68
N TYR A 197 -21.10 -0.25 -8.91
CA TYR A 197 -22.09 -0.93 -8.08
C TYR A 197 -21.49 -1.98 -7.16
N ALA A 198 -20.15 -2.16 -7.23
CA ALA A 198 -19.43 -3.11 -6.40
C ALA A 198 -18.77 -2.41 -5.20
N ASP A 199 -18.67 -3.11 -4.07
CA ASP A 199 -18.01 -2.65 -2.85
C ASP A 199 -16.55 -3.05 -2.96
N TYR A 200 -16.31 -4.19 -3.62
CA TYR A 200 -15.00 -4.69 -3.96
C TYR A 200 -15.07 -5.50 -5.27
N ILE A 201 -13.91 -5.60 -5.94
CA ILE A 201 -13.68 -6.36 -7.13
C ILE A 201 -12.69 -7.47 -6.80
N ALA A 202 -13.03 -8.73 -7.11
CA ALA A 202 -12.11 -9.84 -6.89
C ALA A 202 -11.52 -10.25 -8.26
N ILE A 203 -10.19 -10.11 -8.45
CA ILE A 203 -9.58 -10.56 -9.71
C ILE A 203 -9.42 -12.10 -9.65
N ASN A 204 -10.10 -12.81 -10.57
CA ASN A 204 -10.02 -14.26 -10.64
C ASN A 204 -8.98 -14.71 -11.64
N VAL A 205 -7.83 -15.13 -11.11
CA VAL A 205 -6.71 -15.68 -11.91
C VAL A 205 -6.46 -17.14 -11.46
N SER A 206 -7.46 -17.73 -10.78
CA SER A 206 -7.27 -19.03 -10.16
C SER A 206 -8.26 -20.14 -10.54
N SER A 207 -9.22 -19.89 -11.47
CA SER A 207 -10.11 -20.97 -11.88
C SER A 207 -9.28 -22.03 -12.57
N PRO A 208 -9.47 -23.32 -12.19
CA PRO A 208 -8.75 -24.39 -12.89
C PRO A 208 -9.45 -24.79 -14.20
N ASN A 209 -10.70 -24.30 -14.42
CA ASN A 209 -11.60 -24.69 -15.51
C ASN A 209 -11.59 -23.77 -16.74
N THR A 210 -10.72 -22.74 -16.79
CA THR A 210 -10.58 -21.92 -17.99
C THR A 210 -9.11 -22.03 -18.38
N PRO A 211 -8.79 -22.75 -19.47
CA PRO A 211 -7.38 -22.80 -19.92
C PRO A 211 -7.01 -21.40 -20.48
N GLY A 212 -5.88 -20.83 -20.11
CA GLY A 212 -4.91 -21.23 -19.12
C GLY A 212 -4.81 -20.03 -18.19
N LEU A 213 -5.94 -19.74 -17.52
CA LEU A 213 -6.11 -18.63 -16.62
C LEU A 213 -5.04 -18.52 -15.49
N ARG A 214 -4.60 -19.68 -14.96
CA ARG A 214 -3.68 -19.79 -13.82
C ARG A 214 -2.27 -19.23 -14.09
N ASP A 215 -1.87 -19.15 -15.38
CA ASP A 215 -0.59 -18.62 -15.87
C ASP A 215 -0.42 -17.15 -15.46
N ASN A 216 -1.56 -16.45 -15.31
CA ASN A 216 -1.71 -15.05 -14.92
C ASN A 216 -1.32 -14.79 -13.47
N GLN A 217 -1.02 -15.87 -12.73
CA GLN A 217 -0.53 -15.80 -11.35
C GLN A 217 0.97 -15.60 -11.38
N GLU A 218 1.66 -15.78 -12.56
CA GLU A 218 3.10 -15.49 -12.58
C GLU A 218 3.25 -14.01 -12.25
N ALA A 219 4.21 -13.72 -11.34
CA ALA A 219 4.46 -12.41 -10.73
C ALA A 219 4.39 -11.21 -11.69
N GLY A 220 5.12 -11.28 -12.80
CA GLY A 220 5.15 -10.22 -13.81
C GLY A 220 3.80 -9.94 -14.42
N LYS A 221 3.07 -11.00 -14.81
CA LYS A 221 1.73 -10.85 -15.37
C LYS A 221 0.76 -10.34 -14.32
N LEU A 222 0.87 -10.86 -13.05
CA LEU A 222 -0.04 -10.47 -11.99
C LEU A 222 0.10 -8.98 -11.67
N LYS A 223 1.32 -8.48 -11.59
CA LYS A 223 1.61 -7.06 -11.33
C LYS A 223 0.89 -6.15 -12.34
N ASN A 224 0.97 -6.48 -13.65
CA ASN A 224 0.32 -5.71 -14.72
C ASN A 224 -1.19 -5.81 -14.60
N ILE A 225 -1.70 -6.97 -14.19
CA ILE A 225 -3.15 -7.18 -14.02
C ILE A 225 -3.68 -6.27 -12.91
N ILE A 226 -3.01 -6.28 -11.73
CA ILE A 226 -3.39 -5.51 -10.56
C ILE A 226 -3.37 -4.01 -10.88
N LEU A 227 -2.24 -3.52 -11.45
CA LEU A 227 -2.06 -2.12 -11.79
C LEU A 227 -3.06 -1.65 -12.85
N SER A 228 -3.40 -2.52 -13.83
CA SER A 228 -4.37 -2.18 -14.85
C SER A 228 -5.77 -2.10 -14.26
N VAL A 229 -6.15 -3.07 -13.40
CA VAL A 229 -7.46 -3.10 -12.76
C VAL A 229 -7.63 -1.81 -11.91
N LYS A 230 -6.63 -1.54 -11.04
CA LYS A 230 -6.60 -0.35 -10.19
C LYS A 230 -6.64 0.94 -11.00
N GLU A 231 -5.90 1.01 -12.12
CA GLU A 231 -5.89 2.19 -12.98
C GLU A 231 -7.29 2.38 -13.56
N GLU A 232 -8.01 1.29 -13.90
CA GLU A 232 -9.36 1.40 -14.44
C GLU A 232 -10.38 1.88 -13.41
N ILE A 233 -10.32 1.35 -12.16
CA ILE A 233 -11.20 1.76 -11.07
C ILE A 233 -10.98 3.24 -10.78
N ASP A 234 -9.69 3.67 -10.68
CA ASP A 234 -9.28 5.06 -10.42
C ASP A 234 -9.82 6.00 -11.48
N ASN A 235 -9.93 5.49 -12.74
CA ASN A 235 -10.42 6.23 -13.88
C ASN A 235 -11.92 6.33 -13.96
N LEU A 236 -12.68 5.57 -13.14
CA LEU A 236 -14.14 5.62 -13.17
C LEU A 236 -14.66 7.01 -12.78
N GLU A 237 -13.91 7.66 -11.88
CA GLU A 237 -14.12 9.00 -11.33
C GLU A 237 -13.97 10.05 -12.46
N LYS A 238 -12.78 10.08 -13.09
CA LYS A 238 -12.42 11.00 -14.18
C LYS A 238 -13.28 10.81 -15.46
N ASN A 239 -13.53 9.54 -15.87
CA ASN A 239 -14.35 9.20 -17.05
C ASN A 239 -15.83 9.58 -16.91
N ASN A 240 -16.38 9.47 -15.69
CA ASN A 240 -17.78 9.78 -15.36
C ASN A 240 -17.84 10.91 -14.34
N PHE A 246 -23.41 9.96 -5.93
CA PHE A 246 -23.93 9.64 -7.26
C PHE A 246 -23.18 8.44 -7.87
N LEU A 247 -21.86 8.62 -8.14
CA LEU A 247 -20.99 7.64 -8.80
C LEU A 247 -20.87 6.28 -8.08
N TRP A 248 -20.86 6.26 -6.73
CA TRP A 248 -20.75 4.98 -6.00
C TRP A 248 -22.11 4.51 -5.52
N PHE A 249 -22.73 3.66 -6.33
CA PHE A 249 -24.04 3.11 -6.06
C PHE A 249 -23.84 1.71 -5.48
N ASN A 250 -23.19 1.67 -4.33
CA ASN A 250 -22.82 0.47 -3.59
C ASN A 250 -23.10 0.69 -2.08
N THR A 251 -22.58 -0.18 -1.19
CA THR A 251 -22.78 -0.07 0.26
C THR A 251 -21.86 1.01 0.86
N THR A 252 -20.54 0.88 0.64
CA THR A 252 -19.44 1.73 1.12
C THR A 252 -19.53 3.19 0.69
N LYS A 253 -20.06 3.46 -0.52
CA LYS A 253 -20.19 4.81 -1.14
C LYS A 253 -18.80 5.38 -1.48
N LYS A 254 -17.85 4.46 -1.68
CA LYS A 254 -16.46 4.68 -2.03
C LYS A 254 -16.12 3.83 -3.25
N LYS A 255 -14.97 4.11 -3.90
CA LYS A 255 -14.52 3.32 -5.04
C LYS A 255 -14.30 1.86 -4.55
N PRO A 256 -14.60 0.83 -5.39
CA PRO A 256 -14.42 -0.54 -4.91
C PRO A 256 -12.98 -0.87 -4.56
N LEU A 257 -12.80 -1.69 -3.53
CA LEU A 257 -11.53 -2.25 -3.12
C LEU A 257 -11.16 -3.38 -4.10
N VAL A 258 -9.86 -3.68 -4.21
CA VAL A 258 -9.36 -4.69 -5.15
C VAL A 258 -8.78 -5.87 -4.40
N PHE A 259 -9.36 -7.05 -4.62
CA PHE A 259 -8.86 -8.31 -4.06
C PHE A 259 -8.38 -9.15 -5.23
N VAL A 260 -7.60 -10.19 -4.93
CA VAL A 260 -7.08 -11.17 -5.89
C VAL A 260 -7.35 -12.55 -5.31
N LYS A 261 -7.94 -13.44 -6.13
CA LYS A 261 -8.20 -14.80 -5.69
C LYS A 261 -7.14 -15.71 -6.30
N LEU A 262 -6.42 -16.41 -5.41
CA LEU A 262 -5.31 -17.27 -5.73
C LEU A 262 -5.62 -18.75 -5.63
N ALA A 263 -4.90 -19.57 -6.41
CA ALA A 263 -5.04 -21.01 -6.46
C ALA A 263 -4.16 -21.64 -5.42
N PRO A 264 -4.56 -22.76 -4.76
CA PRO A 264 -3.65 -23.39 -3.79
C PRO A 264 -2.52 -24.19 -4.44
N ASP A 265 -2.63 -24.44 -5.74
CA ASP A 265 -1.67 -25.24 -6.48
C ASP A 265 -0.53 -24.43 -7.03
N LEU A 266 0.31 -23.94 -6.14
CA LEU A 266 1.50 -23.14 -6.47
C LEU A 266 2.65 -23.62 -5.59
N ASN A 267 3.90 -23.43 -6.02
CA ASN A 267 5.02 -23.80 -5.17
C ASN A 267 5.38 -22.60 -4.25
N GLN A 268 6.38 -22.76 -3.39
CA GLN A 268 6.84 -21.72 -2.45
C GLN A 268 7.44 -20.52 -3.17
N GLU A 269 8.24 -20.78 -4.22
CA GLU A 269 8.87 -19.73 -5.04
C GLU A 269 7.81 -18.80 -5.62
N GLN A 270 6.75 -19.40 -6.18
CA GLN A 270 5.62 -18.67 -6.76
C GLN A 270 4.89 -17.85 -5.70
N LYS A 271 4.59 -18.47 -4.53
CA LYS A 271 3.88 -17.80 -3.43
C LYS A 271 4.65 -16.56 -2.98
N LYS A 272 6.00 -16.67 -2.84
CA LYS A 272 6.85 -15.56 -2.44
C LYS A 272 6.86 -14.46 -3.52
N GLU A 273 7.11 -14.83 -4.79
CA GLU A 273 7.13 -13.86 -5.89
C GLU A 273 5.80 -13.06 -5.97
N ILE A 274 4.65 -13.73 -5.73
CA ILE A 274 3.29 -13.16 -5.72
C ILE A 274 3.16 -12.20 -4.56
N ALA A 275 3.59 -12.63 -3.36
CA ALA A 275 3.59 -11.86 -2.10
C ALA A 275 4.31 -10.52 -2.28
N ASP A 276 5.45 -10.50 -2.99
CA ASP A 276 6.21 -9.28 -3.25
C ASP A 276 5.39 -8.31 -4.13
N VAL A 277 4.74 -8.84 -5.17
CA VAL A 277 3.88 -8.13 -6.11
C VAL A 277 2.68 -7.50 -5.36
N LEU A 278 2.02 -8.28 -4.48
CA LEU A 278 0.90 -7.80 -3.69
C LEU A 278 1.31 -6.60 -2.83
N LEU A 279 2.52 -6.67 -2.17
CA LEU A 279 3.07 -5.60 -1.37
C LEU A 279 3.37 -4.35 -2.22
N GLU A 280 3.97 -4.54 -3.40
CA GLU A 280 4.30 -3.40 -4.26
C GLU A 280 3.06 -2.75 -4.88
N THR A 281 2.10 -3.58 -5.35
CA THR A 281 0.92 -3.07 -6.03
C THR A 281 -0.17 -2.59 -5.07
N ASN A 282 -0.02 -2.88 -3.74
CA ASN A 282 -0.92 -2.49 -2.67
C ASN A 282 -2.36 -3.00 -2.92
N ILE A 283 -2.50 -4.34 -3.00
CA ILE A 283 -3.77 -5.01 -3.16
C ILE A 283 -4.52 -4.85 -1.83
N ASP A 284 -5.84 -4.64 -1.87
CA ASP A 284 -6.57 -4.41 -0.62
C ASP A 284 -6.81 -5.68 0.17
N GLY A 285 -6.66 -6.84 -0.47
CA GLY A 285 -6.84 -8.12 0.16
C GLY A 285 -6.59 -9.28 -0.77
N MET A 286 -6.51 -10.47 -0.19
CA MET A 286 -6.27 -11.70 -0.96
C MET A 286 -7.19 -12.79 -0.50
N ILE A 287 -7.84 -13.44 -1.49
CA ILE A 287 -8.75 -14.58 -1.29
C ILE A 287 -7.96 -15.83 -1.41
N ILE A 288 -7.76 -16.47 -0.29
CA ILE A 288 -6.97 -17.67 -0.19
C ILE A 288 -7.94 -18.73 0.29
N SER A 289 -8.41 -19.60 -0.61
CA SER A 289 -7.98 -19.83 -1.97
C SER A 289 -9.13 -20.40 -2.84
N ASN A 290 -8.84 -20.61 -4.11
CA ASN A 290 -9.77 -21.24 -5.02
C ASN A 290 -9.66 -22.77 -4.85
N THR A 291 -10.30 -23.53 -5.74
CA THR A 291 -10.29 -24.98 -5.72
C THR A 291 -8.91 -25.52 -6.10
N THR A 292 -8.67 -26.79 -5.79
CA THR A 292 -7.42 -27.50 -6.04
C THR A 292 -7.59 -28.61 -7.07
N THR A 293 -6.51 -28.85 -7.86
CA THR A 293 -6.41 -29.92 -8.86
C THR A 293 -5.43 -30.99 -8.34
N GLN A 294 -5.08 -30.94 -7.07
CA GLN A 294 -4.09 -31.83 -6.43
C GLN A 294 -4.70 -32.92 -5.52
N ILE A 295 -6.04 -33.10 -5.54
CA ILE A 295 -6.69 -34.15 -4.76
C ILE A 295 -6.91 -35.35 -5.69
N ASN A 296 -6.39 -36.51 -5.28
CA ASN A 296 -6.38 -37.76 -6.05
C ASN A 296 -7.14 -38.87 -5.35
N ASP A 297 -7.38 -38.73 -4.03
CA ASP A 297 -7.95 -39.80 -3.22
C ASP A 297 -9.48 -39.77 -3.01
N ILE A 298 -10.24 -39.07 -3.87
CA ILE A 298 -11.70 -39.19 -3.79
C ILE A 298 -12.06 -40.22 -4.87
N LYS A 299 -12.54 -41.42 -4.45
CA LYS A 299 -12.83 -42.50 -5.38
C LYS A 299 -13.93 -42.17 -6.38
N SER A 300 -14.98 -41.44 -5.96
CA SER A 300 -16.09 -41.07 -6.83
C SER A 300 -15.69 -40.08 -7.92
N PHE A 301 -14.59 -39.37 -7.70
CA PHE A 301 -14.09 -38.32 -8.61
C PHE A 301 -12.98 -38.78 -9.55
N GLU A 302 -12.59 -40.09 -9.49
CA GLU A 302 -11.51 -40.61 -10.34
C GLU A 302 -11.76 -40.37 -11.86
N ASN A 303 -12.99 -40.51 -12.32
CA ASN A 303 -13.26 -40.28 -13.73
C ASN A 303 -13.68 -38.83 -14.03
N LYS A 304 -13.47 -37.90 -13.05
CA LYS A 304 -13.94 -36.53 -13.16
C LYS A 304 -12.81 -35.49 -13.30
N LYS A 305 -13.16 -34.36 -13.93
CA LYS A 305 -12.29 -33.26 -14.27
C LYS A 305 -12.70 -31.98 -13.48
N GLY A 306 -11.72 -31.12 -13.20
CA GLY A 306 -11.98 -29.85 -12.53
C GLY A 306 -11.25 -29.61 -11.22
N GLY A 307 -11.79 -28.69 -10.41
CA GLY A 307 -11.27 -28.32 -9.10
C GLY A 307 -12.13 -28.84 -7.96
N VAL A 308 -11.46 -29.30 -6.89
CA VAL A 308 -12.05 -29.86 -5.65
C VAL A 308 -12.19 -28.78 -4.56
N SER A 309 -13.36 -28.77 -3.90
CA SER A 309 -13.79 -27.91 -2.81
C SER A 309 -14.25 -28.79 -1.66
N GLY A 310 -14.44 -28.19 -0.49
CA GLY A 310 -14.96 -28.90 0.66
C GLY A 310 -13.94 -29.22 1.70
N ALA A 311 -14.30 -30.18 2.58
CA ALA A 311 -13.52 -30.62 3.73
C ALA A 311 -12.08 -30.99 3.39
N LYS A 312 -11.87 -31.64 2.24
CA LYS A 312 -10.55 -32.05 1.76
C LYS A 312 -9.63 -30.89 1.39
N LEU A 313 -10.19 -29.70 1.16
CA LEU A 313 -9.42 -28.51 0.82
C LEU A 313 -8.95 -27.72 2.07
N LYS A 314 -9.64 -27.89 3.22
CA LYS A 314 -9.38 -27.16 4.48
C LYS A 314 -7.89 -27.00 4.87
N ASP A 315 -7.17 -28.12 5.13
CA ASP A 315 -5.77 -28.10 5.57
C ASP A 315 -4.81 -27.43 4.56
N ILE A 316 -4.99 -27.74 3.27
CA ILE A 316 -4.20 -27.18 2.18
C ILE A 316 -4.33 -25.64 2.22
N SER A 317 -5.58 -25.20 2.34
CA SER A 317 -6.06 -23.85 2.30
C SER A 317 -5.62 -23.01 3.50
N THR A 318 -5.72 -23.57 4.72
CA THR A 318 -5.30 -22.90 5.96
C THR A 318 -3.76 -22.76 5.97
N LYS A 319 -3.03 -23.77 5.45
CA LYS A 319 -1.57 -23.72 5.37
C LYS A 319 -1.14 -22.61 4.43
N PHE A 320 -1.87 -22.42 3.31
CA PHE A 320 -1.67 -21.36 2.32
C PHE A 320 -1.91 -19.95 2.92
N ILE A 321 -2.90 -19.80 3.85
CA ILE A 321 -3.13 -18.54 4.57
C ILE A 321 -1.89 -18.22 5.43
N CYS A 322 -1.42 -19.17 6.26
CA CYS A 322 -0.22 -18.98 7.09
C CYS A 322 0.95 -18.50 6.23
N GLU A 323 1.19 -19.23 5.11
CA GLU A 323 2.29 -18.96 4.19
C GLU A 323 2.26 -17.53 3.66
N MET A 324 1.10 -17.12 3.12
CA MET A 324 0.91 -15.80 2.54
C MET A 324 0.86 -14.70 3.54
N TYR A 325 0.21 -14.95 4.69
CA TYR A 325 0.16 -14.00 5.82
C TYR A 325 1.58 -13.67 6.24
N ASN A 326 2.49 -14.64 6.16
CA ASN A 326 3.90 -14.43 6.52
C ASN A 326 4.70 -13.81 5.35
N TYR A 327 4.51 -14.32 4.12
CA TYR A 327 5.18 -13.80 2.93
C TYR A 327 4.91 -12.30 2.68
N THR A 328 3.70 -11.81 3.05
CA THR A 328 3.27 -10.42 2.89
C THR A 328 3.52 -9.63 4.16
N ASN A 329 4.17 -10.23 5.17
CA ASN A 329 4.57 -9.62 6.43
C ASN A 329 3.37 -9.02 7.20
N LYS A 330 2.22 -9.74 7.11
CA LYS A 330 0.93 -9.41 7.74
C LYS A 330 0.32 -8.09 7.19
N GLN A 331 0.77 -7.62 6.03
CA GLN A 331 0.33 -6.34 5.45
C GLN A 331 -0.89 -6.42 4.60
N ILE A 332 -1.18 -7.63 4.06
CA ILE A 332 -2.31 -7.82 3.17
C ILE A 332 -3.48 -8.58 3.83
N PRO A 333 -4.65 -7.94 4.02
CA PRO A 333 -5.79 -8.66 4.63
C PRO A 333 -6.19 -9.93 3.87
N ILE A 334 -6.57 -11.00 4.58
CA ILE A 334 -6.93 -12.29 3.97
C ILE A 334 -8.43 -12.64 4.11
N ILE A 335 -9.01 -13.11 2.99
CA ILE A 335 -10.37 -13.62 2.87
C ILE A 335 -10.19 -15.13 2.76
N ALA A 336 -10.65 -15.90 3.77
CA ALA A 336 -10.52 -17.37 3.79
C ALA A 336 -11.61 -18.06 2.98
N SER A 337 -11.24 -19.16 2.28
CA SER A 337 -12.04 -20.06 1.43
C SER A 337 -11.08 -21.24 1.12
N GLY A 338 -11.37 -22.51 1.39
CA GLY A 338 -12.59 -23.07 1.87
C GLY A 338 -12.32 -24.26 2.76
N GLY A 339 -13.29 -25.15 2.81
CA GLY A 339 -13.24 -26.26 3.74
C GLY A 339 -13.82 -25.81 5.07
N ILE A 340 -14.42 -24.59 5.10
CA ILE A 340 -15.06 -24.02 6.27
C ILE A 340 -16.50 -24.53 6.42
N PHE A 341 -16.73 -25.30 7.51
CA PHE A 341 -18.01 -25.90 7.85
C PHE A 341 -18.42 -25.56 9.29
N SER A 342 -17.44 -25.59 10.22
CA SER A 342 -17.68 -25.35 11.64
C SER A 342 -17.05 -24.07 12.13
N GLY A 343 -17.36 -23.70 13.37
CA GLY A 343 -16.79 -22.54 14.03
C GLY A 343 -15.31 -22.75 14.27
N LEU A 344 -14.91 -24.02 14.51
CA LEU A 344 -13.52 -24.42 14.72
C LEU A 344 -12.74 -24.20 13.42
N ASP A 345 -13.38 -24.51 12.27
CA ASP A 345 -12.84 -24.32 10.93
C ASP A 345 -12.59 -22.82 10.72
N ALA A 346 -13.61 -21.97 10.98
CA ALA A 346 -13.54 -20.52 10.86
C ALA A 346 -12.48 -19.91 11.80
N LEU A 347 -12.38 -20.38 13.05
CA LEU A 347 -11.39 -19.87 14.01
C LEU A 347 -9.96 -20.19 13.52
N GLU A 348 -9.75 -21.41 13.00
CA GLU A 348 -8.48 -21.91 12.43
C GLU A 348 -8.00 -20.95 11.36
N LYS A 349 -8.90 -20.53 10.46
CA LYS A 349 -8.61 -19.60 9.37
C LYS A 349 -8.25 -18.22 9.89
N ILE A 350 -9.03 -17.73 10.86
CA ILE A 350 -8.82 -16.42 11.48
C ILE A 350 -7.45 -16.38 12.17
N GLU A 351 -7.14 -17.37 13.04
CA GLU A 351 -5.86 -17.47 13.74
C GLU A 351 -4.70 -17.66 12.76
N ALA A 352 -4.99 -18.18 11.55
CA ALA A 352 -3.99 -18.37 10.50
C ALA A 352 -3.65 -17.01 9.86
N GLY A 353 -4.60 -16.06 9.88
CA GLY A 353 -4.39 -14.72 9.33
C GLY A 353 -5.57 -14.07 8.63
N ALA A 354 -6.70 -14.80 8.46
CA ALA A 354 -7.88 -14.28 7.78
C ALA A 354 -8.72 -13.33 8.66
N SER A 355 -9.35 -12.33 8.02
CA SER A 355 -10.22 -11.32 8.65
C SER A 355 -11.68 -11.72 8.52
N VAL A 356 -12.05 -12.35 7.38
CA VAL A 356 -13.39 -12.85 7.03
C VAL A 356 -13.24 -14.21 6.41
N CYS A 357 -14.35 -14.99 6.44
CA CYS A 357 -14.47 -16.32 5.87
C CYS A 357 -15.53 -16.32 4.76
N GLN A 358 -15.35 -17.17 3.76
CA GLN A 358 -16.31 -17.36 2.68
C GLN A 358 -16.74 -18.81 2.66
N LEU A 359 -18.05 -19.04 2.47
CA LEU A 359 -18.56 -20.41 2.44
C LEU A 359 -19.12 -20.72 1.10
N TYR A 360 -18.97 -21.99 0.72
CA TYR A 360 -19.55 -22.51 -0.48
C TYR A 360 -20.06 -23.94 -0.17
N SER A 361 -19.12 -24.90 -0.03
CA SER A 361 -19.43 -26.32 0.21
C SER A 361 -20.30 -26.53 1.42
N CYS A 362 -20.17 -25.63 2.41
CA CYS A 362 -20.97 -25.68 3.63
C CYS A 362 -22.46 -25.58 3.29
N LEU A 363 -22.86 -24.59 2.46
CA LEU A 363 -24.26 -24.42 2.05
C LEU A 363 -24.80 -25.68 1.29
N VAL A 364 -23.91 -26.40 0.60
CA VAL A 364 -24.23 -27.61 -0.16
C VAL A 364 -24.53 -28.82 0.74
N PHE A 365 -23.74 -29.02 1.78
CA PHE A 365 -23.88 -30.18 2.65
C PHE A 365 -24.68 -29.93 3.93
N ASN A 366 -24.60 -28.70 4.48
CA ASN A 366 -25.32 -28.25 5.67
C ASN A 366 -26.65 -27.56 5.32
N GLY A 367 -26.72 -26.97 4.14
CA GLY A 367 -27.93 -26.28 3.69
C GLY A 367 -28.14 -24.89 4.23
N MET A 368 -29.42 -24.51 4.33
CA MET A 368 -29.88 -23.18 4.76
C MET A 368 -29.48 -22.80 6.19
N LYS A 369 -29.26 -23.79 7.08
CA LYS A 369 -28.88 -23.57 8.48
C LYS A 369 -27.42 -23.06 8.64
N SER A 370 -26.60 -23.17 7.58
CA SER A 370 -25.16 -22.82 7.51
C SER A 370 -24.75 -21.58 8.29
N ALA A 371 -25.22 -20.38 7.89
CA ALA A 371 -24.86 -19.10 8.51
C ALA A 371 -25.23 -19.00 9.99
N VAL A 372 -26.50 -19.25 10.34
CA VAL A 372 -27.02 -19.18 11.72
C VAL A 372 -26.20 -20.03 12.72
N GLN A 373 -25.87 -21.26 12.30
CA GLN A 373 -25.14 -22.29 13.05
C GLN A 373 -23.65 -21.96 13.21
N ILE A 374 -22.96 -21.60 12.09
CA ILE A 374 -21.53 -21.30 12.07
C ILE A 374 -21.22 -20.05 12.91
N LYS A 375 -22.12 -19.03 12.85
CA LYS A 375 -22.01 -17.79 13.61
C LYS A 375 -22.08 -18.09 15.10
N ARG A 376 -22.91 -19.06 15.49
CA ARG A 376 -23.11 -19.51 16.88
C ARG A 376 -21.86 -20.24 17.40
N GLU A 377 -21.41 -21.30 16.67
CA GLU A 377 -20.22 -22.12 16.98
C GLU A 377 -18.99 -21.23 17.23
N LEU A 378 -18.80 -20.20 16.38
CA LEU A 378 -17.71 -19.23 16.46
C LEU A 378 -17.81 -18.36 17.72
N ASN A 379 -19.01 -17.78 18.00
CA ASN A 379 -19.23 -16.93 19.18
C ASN A 379 -18.88 -17.67 20.45
N HIS A 380 -19.30 -18.96 20.55
CA HIS A 380 -19.03 -19.86 21.67
C HIS A 380 -17.52 -20.04 21.83
N LEU A 381 -16.81 -20.28 20.69
CA LEU A 381 -15.35 -20.45 20.66
C LEU A 381 -14.59 -19.19 21.07
N LEU A 382 -15.02 -18.01 20.58
CA LEU A 382 -14.39 -16.72 20.92
C LEU A 382 -14.44 -16.43 22.42
N TYR A 383 -15.51 -16.88 23.11
CA TYR A 383 -15.66 -16.74 24.55
C TYR A 383 -14.72 -17.74 25.23
N GLN A 384 -14.84 -19.03 24.84
CA GLN A 384 -14.07 -20.17 25.34
C GLN A 384 -12.54 -19.94 25.26
N ARG A 385 -12.06 -19.39 24.12
CA ARG A 385 -10.64 -19.14 23.86
C ARG A 385 -10.11 -17.83 24.49
N GLY A 386 -10.97 -17.16 25.25
CA GLY A 386 -10.62 -15.93 25.97
C GLY A 386 -10.32 -14.70 25.13
N TYR A 387 -10.97 -14.58 23.96
CA TYR A 387 -10.84 -13.44 23.05
C TYR A 387 -11.95 -12.43 23.34
N TYR A 388 -11.62 -11.13 23.44
CA TYR A 388 -12.64 -10.08 23.66
C TYR A 388 -13.52 -9.98 22.42
N ASN A 389 -12.88 -9.89 21.25
CA ASN A 389 -13.52 -9.81 19.94
C ASN A 389 -12.74 -10.63 18.93
N LEU A 390 -13.33 -10.87 17.74
CA LEU A 390 -12.73 -11.60 16.63
C LEU A 390 -11.44 -10.94 16.12
N LYS A 391 -11.41 -9.58 16.09
CA LYS A 391 -10.27 -8.81 15.60
C LYS A 391 -8.94 -9.16 16.29
N GLU A 392 -9.03 -9.66 17.54
CA GLU A 392 -7.93 -10.08 18.43
C GLU A 392 -7.43 -11.47 18.05
N ALA A 393 -8.26 -12.28 17.36
CA ALA A 393 -7.92 -13.64 16.93
C ALA A 393 -7.13 -13.68 15.62
N ILE A 394 -7.21 -12.60 14.80
CA ILE A 394 -6.57 -12.48 13.48
C ILE A 394 -5.04 -12.68 13.58
N GLY A 395 -4.56 -13.72 12.91
CA GLY A 395 -3.14 -14.09 12.85
C GLY A 395 -2.50 -14.51 14.17
N ARG A 396 -3.32 -14.92 15.17
CA ARG A 396 -2.81 -15.30 16.49
C ARG A 396 -2.11 -16.66 16.56
N LYS A 397 -2.05 -17.42 15.47
CA LYS A 397 -1.29 -18.67 15.42
C LYS A 397 0.23 -18.30 15.34
N HIS A 398 0.53 -17.12 14.70
CA HIS A 398 1.86 -16.56 14.46
C HIS A 398 2.35 -15.59 15.59
N SER A 399 2.56 -16.15 16.81
CA SER A 399 3.03 -15.46 18.03
C SER A 399 2.33 -14.12 18.32
N ASN B 24 33.36 18.38 -14.91
CA ASN B 24 32.57 17.44 -15.71
C ASN B 24 31.05 17.68 -15.63
N PRO B 25 30.39 17.82 -14.42
CA PRO B 25 28.94 18.11 -14.41
C PRO B 25 28.56 19.53 -14.82
N GLU B 26 29.57 20.33 -15.22
CA GLU B 26 29.46 21.73 -15.67
C GLU B 26 29.58 21.86 -17.20
N PHE B 27 29.63 20.72 -17.94
CA PHE B 27 29.71 20.67 -19.41
C PHE B 27 28.45 21.34 -19.98
N PHE B 28 28.63 22.28 -20.94
CA PHE B 28 27.57 23.09 -21.57
C PHE B 28 26.38 22.29 -22.12
N LEU B 29 26.64 21.07 -22.65
CA LEU B 29 25.64 20.16 -23.22
C LEU B 29 24.51 19.81 -22.24
N TYR B 30 24.85 19.64 -20.95
CA TYR B 30 23.89 19.31 -19.91
C TYR B 30 22.90 20.45 -19.65
N ASP B 31 23.41 21.71 -19.56
CA ASP B 31 22.59 22.92 -19.38
C ASP B 31 21.67 23.18 -20.58
N ILE B 32 22.09 22.79 -21.79
CA ILE B 32 21.29 22.93 -23.01
C ILE B 32 20.14 21.91 -22.91
N PHE B 33 20.47 20.64 -22.58
CA PHE B 33 19.51 19.55 -22.45
C PHE B 33 18.48 19.85 -21.37
N LEU B 34 18.92 20.36 -20.20
CA LEU B 34 18.01 20.71 -19.11
C LEU B 34 17.05 21.85 -19.49
N LYS B 35 17.58 22.95 -20.08
CA LYS B 35 16.75 24.06 -20.50
C LYS B 35 15.72 23.64 -21.57
N PHE B 36 16.06 22.60 -22.38
CA PHE B 36 15.17 22.03 -23.39
C PHE B 36 14.05 21.27 -22.67
N CYS B 37 14.45 20.36 -21.78
CA CYS B 37 13.58 19.54 -20.95
C CYS B 37 12.55 20.41 -20.21
N LEU B 38 13.03 21.50 -19.53
CA LEU B 38 12.22 22.46 -18.78
C LEU B 38 11.17 23.17 -19.62
N LYS B 39 11.46 23.40 -20.91
CA LYS B 39 10.52 24.08 -21.80
C LYS B 39 9.49 23.15 -22.46
N TYR B 40 9.90 21.96 -22.96
CA TYR B 40 8.99 21.10 -23.72
C TYR B 40 8.62 19.74 -23.11
N ILE B 41 9.26 19.29 -22.01
CA ILE B 41 8.93 17.95 -21.50
C ILE B 41 8.29 18.04 -20.10
N ASP B 42 7.27 17.18 -19.84
CA ASP B 42 6.59 17.06 -18.54
C ASP B 42 7.64 16.79 -17.46
N GLY B 43 7.46 17.44 -16.30
CA GLY B 43 8.36 17.36 -15.15
C GLY B 43 8.67 15.97 -14.65
N GLU B 44 7.62 15.17 -14.37
CA GLU B 44 7.80 13.82 -13.86
C GLU B 44 8.46 12.89 -14.91
N ILE B 45 8.12 13.04 -16.23
CA ILE B 45 8.77 12.29 -17.31
C ILE B 45 10.27 12.63 -17.32
N CYS B 46 10.60 13.95 -17.22
CA CYS B 46 11.96 14.51 -17.08
C CYS B 46 12.72 13.80 -15.95
N HIS B 47 12.14 13.85 -14.73
CA HIS B 47 12.69 13.25 -13.51
C HIS B 47 12.99 11.76 -13.66
N ASP B 48 12.00 10.96 -14.15
CA ASP B 48 12.13 9.52 -14.35
C ASP B 48 13.16 9.16 -15.43
N LEU B 49 13.38 10.09 -16.38
CA LEU B 49 14.36 9.91 -17.46
C LEU B 49 15.75 10.06 -16.89
N PHE B 50 16.00 11.15 -16.11
CA PHE B 50 17.28 11.44 -15.45
C PHE B 50 17.62 10.40 -14.38
N LEU B 51 16.60 9.74 -13.81
CA LEU B 51 16.81 8.68 -12.82
C LEU B 51 17.24 7.42 -13.52
N LEU B 52 16.66 7.16 -14.70
CA LEU B 52 17.01 6.04 -15.57
C LEU B 52 18.45 6.21 -16.09
N LEU B 53 18.87 7.47 -16.40
CA LEU B 53 20.23 7.79 -16.83
C LEU B 53 21.22 7.44 -15.71
N GLY B 54 20.87 7.78 -14.48
CA GLY B 54 21.68 7.48 -13.30
C GLY B 54 21.72 6.01 -12.96
N LYS B 55 20.63 5.27 -13.29
CA LYS B 55 20.47 3.83 -13.05
C LYS B 55 21.53 3.01 -13.83
N TYR B 56 21.98 3.54 -14.99
CA TYR B 56 22.98 2.91 -15.86
C TYR B 56 24.32 3.64 -15.83
N ASN B 57 24.49 4.51 -14.81
CA ASN B 57 25.69 5.30 -14.50
C ASN B 57 26.24 6.06 -15.73
N ILE B 58 25.34 6.80 -16.43
CA ILE B 58 25.70 7.57 -17.63
C ILE B 58 25.83 9.08 -17.31
N LEU B 59 25.53 9.47 -16.07
CA LEU B 59 25.59 10.86 -15.60
C LEU B 59 27.03 11.31 -15.23
N PRO B 60 27.34 12.64 -15.26
CA PRO B 60 28.68 13.10 -14.90
C PRO B 60 29.06 12.95 -13.41
N TYR B 61 30.37 12.78 -13.15
CA TYR B 61 31.02 12.61 -11.84
C TYR B 61 31.58 13.94 -11.35
N ASP B 62 31.72 14.12 -10.01
CA ASP B 62 32.39 15.28 -9.40
C ASP B 62 33.79 14.82 -8.97
N THR B 63 34.82 15.47 -9.51
CA THR B 63 36.23 15.13 -9.26
C THR B 63 36.81 15.90 -8.06
N SER B 64 36.19 17.05 -7.74
CA SER B 64 36.59 17.97 -6.67
C SER B 64 36.73 17.31 -5.30
N ASN B 65 37.81 17.67 -4.61
CA ASN B 65 38.11 17.27 -3.25
C ASN B 65 37.53 18.39 -2.40
N ASP B 66 36.42 18.10 -1.70
CA ASP B 66 35.70 19.07 -0.87
C ASP B 66 36.55 19.68 0.23
N SER B 67 36.27 20.97 0.54
CA SER B 67 36.97 21.76 1.56
C SER B 67 36.79 21.20 2.98
N ILE B 68 37.92 21.03 3.72
CA ILE B 68 37.92 20.57 5.13
C ILE B 68 37.27 21.65 6.02
N TYR B 69 37.17 22.88 5.48
CA TYR B 69 36.57 24.04 6.12
C TYR B 69 35.04 24.09 5.91
N ALA B 70 34.51 23.34 4.92
CA ALA B 70 33.07 23.29 4.63
C ALA B 70 32.42 22.00 5.15
N CYS B 71 33.20 21.14 5.82
CA CYS B 71 32.76 19.89 6.46
C CYS B 71 31.75 20.24 7.56
N THR B 72 30.92 19.28 7.96
CA THR B 72 29.91 19.53 9.01
C THR B 72 29.44 18.23 9.63
N ASN B 73 28.72 18.32 10.76
CA ASN B 73 28.21 17.14 11.42
C ASN B 73 26.94 17.39 12.21
N ILE B 74 26.22 16.30 12.46
CA ILE B 74 25.06 16.19 13.32
C ILE B 74 25.37 14.93 14.12
N LYS B 75 25.76 15.12 15.41
CA LYS B 75 26.20 14.05 16.31
C LYS B 75 27.39 13.32 15.61
N HIS B 76 27.30 11.99 15.42
CA HIS B 76 28.36 11.19 14.79
C HIS B 76 28.30 11.19 13.25
N LEU B 77 27.25 11.78 12.67
CA LEU B 77 27.07 11.88 11.23
C LEU B 77 28.11 12.87 10.69
N ASP B 78 29.15 12.37 9.99
CA ASP B 78 30.21 13.22 9.41
C ASP B 78 30.01 13.52 7.93
N PHE B 79 29.45 14.71 7.64
CA PHE B 79 29.18 15.16 6.28
C PHE B 79 30.48 15.67 5.64
N ILE B 80 30.85 15.11 4.48
CA ILE B 80 32.10 15.48 3.76
C ILE B 80 32.01 16.91 3.19
N ASN B 81 30.77 17.38 2.96
CA ASN B 81 30.41 18.71 2.50
C ASN B 81 29.01 19.08 3.07
N PRO B 82 28.56 20.35 3.05
CA PRO B 82 27.25 20.66 3.65
C PRO B 82 26.01 20.43 2.79
N PHE B 83 26.15 19.74 1.63
CA PHE B 83 25.02 19.59 0.71
C PHE B 83 24.57 18.16 0.42
N GLY B 84 23.29 17.93 0.65
CA GLY B 84 22.62 16.67 0.36
C GLY B 84 21.41 16.85 -0.53
N VAL B 85 20.85 15.70 -0.93
CA VAL B 85 19.64 15.67 -1.75
C VAL B 85 18.46 15.34 -0.85
N ALA B 86 17.44 16.22 -0.89
CA ALA B 86 16.23 16.13 -0.08
C ALA B 86 15.44 14.90 -0.46
N ALA B 87 14.56 14.43 0.47
CA ALA B 87 13.67 13.30 0.21
C ALA B 87 12.71 13.62 -0.97
N GLY B 88 12.28 12.58 -1.67
CA GLY B 88 11.36 12.67 -2.79
C GLY B 88 12.04 12.81 -4.13
N PHE B 89 13.36 12.74 -4.15
CA PHE B 89 14.14 12.83 -5.37
C PHE B 89 14.32 11.40 -5.85
N ASP B 90 15.10 10.61 -5.10
CA ASP B 90 15.24 9.20 -5.37
C ASP B 90 14.37 8.51 -4.33
N LYS B 91 13.04 8.48 -4.59
CA LYS B 91 12.05 7.87 -3.68
C LYS B 91 12.30 6.38 -3.44
N ASN B 92 12.80 5.68 -4.47
CA ASN B 92 12.98 4.23 -4.44
C ASN B 92 14.40 3.76 -4.24
N GLY B 93 15.35 4.70 -4.16
CA GLY B 93 16.77 4.39 -3.97
C GLY B 93 17.32 3.56 -5.12
N VAL B 94 17.03 3.98 -6.36
CA VAL B 94 17.44 3.31 -7.60
C VAL B 94 18.64 4.00 -8.25
N CYS B 95 18.95 5.18 -7.75
CA CYS B 95 19.91 6.11 -8.32
C CYS B 95 20.86 6.75 -7.25
N ILE B 96 21.04 6.05 -6.10
CA ILE B 96 21.85 6.55 -4.98
C ILE B 96 23.29 6.88 -5.40
N ASP B 97 23.99 5.91 -6.02
CA ASP B 97 25.38 6.05 -6.45
C ASP B 97 25.60 7.28 -7.34
N SER B 98 24.77 7.40 -8.39
CA SER B 98 24.87 8.48 -9.36
C SER B 98 24.58 9.85 -8.78
N ILE B 99 23.50 9.99 -8.01
CA ILE B 99 23.15 11.28 -7.40
C ILE B 99 24.25 11.78 -6.46
N LEU B 100 24.75 10.90 -5.56
CA LEU B 100 25.83 11.22 -4.64
C LEU B 100 27.08 11.69 -5.38
N LYS B 101 27.40 11.03 -6.53
CA LYS B 101 28.58 11.30 -7.35
C LYS B 101 28.54 12.65 -8.08
N LEU B 102 27.38 13.35 -8.08
CA LEU B 102 27.25 14.70 -8.66
C LEU B 102 27.97 15.75 -7.78
N GLY B 103 28.31 15.36 -6.54
CA GLY B 103 29.02 16.18 -5.58
C GLY B 103 28.34 16.39 -4.25
N PHE B 104 27.36 15.54 -3.92
CA PHE B 104 26.57 15.61 -2.68
C PHE B 104 27.17 14.71 -1.59
N SER B 105 27.17 15.19 -0.33
CA SER B 105 27.69 14.41 0.80
C SER B 105 26.70 13.32 1.22
N PHE B 106 25.39 13.58 1.02
CA PHE B 106 24.35 12.65 1.45
C PHE B 106 23.09 12.71 0.61
N ILE B 107 22.18 11.75 0.86
CA ILE B 107 20.87 11.65 0.21
C ILE B 107 19.89 11.02 1.21
N GLU B 108 18.63 11.49 1.17
CA GLU B 108 17.54 10.99 1.98
C GLU B 108 16.64 10.26 0.98
N ILE B 109 16.58 8.91 1.04
CA ILE B 109 15.71 8.19 0.09
C ILE B 109 14.29 8.14 0.64
N GLY B 110 13.34 7.77 -0.22
CA GLY B 110 11.94 7.79 0.17
C GLY B 110 11.38 9.19 -0.08
N THR B 111 10.26 9.56 0.56
CA THR B 111 9.51 8.81 1.58
C THR B 111 8.95 7.46 1.09
N ILE B 112 9.25 6.41 1.85
CA ILE B 112 8.76 5.04 1.65
C ILE B 112 7.58 4.84 2.58
N THR B 113 6.68 3.93 2.19
CA THR B 113 5.51 3.48 2.92
C THR B 113 5.56 1.93 2.92
N PRO B 114 4.97 1.24 3.90
CA PRO B 114 5.06 -0.22 3.94
C PRO B 114 4.69 -0.92 2.64
N ARG B 115 3.51 -0.60 2.12
CA ARG B 115 3.08 -1.11 0.85
C ARG B 115 3.39 -0.01 -0.17
N GLY B 116 3.70 -0.41 -1.40
CA GLY B 116 3.96 0.51 -2.51
C GLY B 116 2.71 1.29 -2.89
N GLN B 117 2.89 2.47 -3.48
CA GLN B 117 1.76 3.32 -3.89
C GLN B 117 2.02 3.95 -5.25
N THR B 118 0.98 4.12 -6.07
CA THR B 118 1.21 4.79 -7.37
C THR B 118 1.10 6.30 -7.22
N GLY B 119 0.47 6.74 -6.15
CA GLY B 119 0.29 8.15 -5.82
C GLY B 119 -0.98 8.76 -6.39
N ASN B 120 -1.11 10.10 -6.29
CA ASN B 120 -2.28 10.85 -6.81
C ASN B 120 -2.23 10.92 -8.34
N ALA B 121 -3.34 11.34 -8.99
CA ALA B 121 -3.43 11.37 -10.47
C ALA B 121 -2.37 12.25 -11.15
N LYS B 122 -1.88 11.81 -12.31
CA LYS B 122 -0.90 12.52 -13.15
C LYS B 122 -1.62 13.40 -14.20
N PRO B 123 -1.10 14.57 -14.62
CA PRO B 123 0.17 15.20 -14.19
C PRO B 123 0.07 15.77 -12.77
N ARG B 124 1.08 15.49 -11.95
CA ARG B 124 1.07 15.96 -10.57
C ARG B 124 2.31 16.78 -10.18
N ILE B 125 3.20 17.12 -11.15
CA ILE B 125 4.38 17.97 -10.86
C ILE B 125 4.40 19.09 -11.87
N PHE B 126 4.42 20.35 -11.40
CA PHE B 126 4.41 21.51 -12.29
C PHE B 126 5.47 22.53 -11.88
N ARG B 127 6.06 23.21 -12.89
CA ARG B 127 7.11 24.19 -12.67
C ARG B 127 6.74 25.57 -13.15
N ASP B 128 7.38 26.58 -12.55
CA ASP B 128 7.32 27.99 -12.95
C ASP B 128 8.78 28.43 -12.93
N VAL B 129 9.40 28.44 -14.12
CA VAL B 129 10.81 28.75 -14.31
C VAL B 129 11.13 30.20 -13.88
N GLU B 130 10.26 31.16 -14.23
CA GLU B 130 10.41 32.58 -13.87
C GLU B 130 10.57 32.77 -12.36
N SER B 131 9.75 32.08 -11.55
CA SER B 131 9.82 32.18 -10.09
C SER B 131 10.70 31.12 -9.46
N ARG B 132 11.30 30.21 -10.29
CA ARG B 132 12.12 29.05 -9.87
C ARG B 132 11.34 28.25 -8.83
N SER B 133 10.03 28.03 -9.09
CA SER B 133 9.17 27.30 -8.16
C SER B 133 8.53 26.05 -8.75
N ILE B 134 8.23 25.08 -7.87
CA ILE B 134 7.61 23.80 -8.20
C ILE B 134 6.40 23.58 -7.27
N ILE B 135 5.35 22.90 -7.80
CA ILE B 135 4.16 22.47 -7.07
C ILE B 135 4.00 20.98 -7.37
N ASN B 136 3.64 20.19 -6.38
CA ASN B 136 3.49 18.75 -6.57
C ASN B 136 2.38 18.17 -5.71
N SER B 137 1.69 17.14 -6.23
CA SER B 137 0.67 16.41 -5.49
C SER B 137 0.94 14.94 -5.75
N CYS B 138 2.16 14.48 -5.40
CA CYS B 138 2.60 13.13 -5.70
C CYS B 138 1.84 12.07 -4.94
N GLY B 139 1.67 12.28 -3.64
CA GLY B 139 0.95 11.36 -2.76
C GLY B 139 1.74 10.15 -2.35
N PHE B 140 3.06 10.31 -2.11
CA PHE B 140 3.97 9.22 -1.66
C PHE B 140 4.01 8.05 -2.64
N ASN B 141 4.30 8.35 -3.90
CA ASN B 141 4.47 7.29 -4.91
C ASN B 141 5.83 6.60 -4.60
N ASN B 142 5.82 5.27 -4.42
CA ASN B 142 7.03 4.49 -4.13
C ASN B 142 6.74 3.01 -4.29
N MET B 143 7.83 2.21 -4.45
CA MET B 143 7.82 0.75 -4.65
C MET B 143 7.45 -0.02 -3.38
N GLY B 144 7.41 0.69 -2.24
CA GLY B 144 7.07 0.09 -0.96
C GLY B 144 8.33 -0.25 -0.23
N CYS B 145 8.23 -0.32 1.10
CA CYS B 145 9.34 -0.52 1.99
C CYS B 145 10.26 -1.66 1.59
N ASP B 146 9.71 -2.81 1.33
CA ASP B 146 10.39 -4.06 1.00
C ASP B 146 11.25 -4.03 -0.26
N LYS B 147 10.74 -3.46 -1.37
CA LYS B 147 11.49 -3.35 -2.64
C LYS B 147 12.61 -2.31 -2.46
N VAL B 148 12.27 -1.13 -1.87
CA VAL B 148 13.23 -0.07 -1.58
C VAL B 148 14.35 -0.56 -0.65
N THR B 149 14.04 -1.40 0.36
CA THR B 149 15.05 -2.00 1.25
C THR B 149 16.03 -2.85 0.43
N GLU B 150 15.52 -3.62 -0.55
CA GLU B 150 16.37 -4.43 -1.43
C GLU B 150 17.25 -3.54 -2.32
N ASN B 151 16.75 -2.35 -2.70
CA ASN B 151 17.48 -1.35 -3.47
C ASN B 151 18.58 -0.70 -2.62
N LEU B 152 18.34 -0.51 -1.30
CA LEU B 152 19.34 0.06 -0.40
C LEU B 152 20.42 -0.98 -0.04
N ILE B 153 20.03 -2.25 0.20
CA ILE B 153 20.93 -3.37 0.48
C ILE B 153 21.98 -3.47 -0.64
N LEU B 154 21.52 -3.35 -1.92
CA LEU B 154 22.39 -3.41 -3.10
C LEU B 154 23.43 -2.26 -3.10
N PHE B 155 22.99 -1.04 -2.73
CA PHE B 155 23.88 0.11 -2.63
C PHE B 155 24.90 -0.12 -1.50
N ARG B 156 24.43 -0.64 -0.35
CA ARG B 156 25.32 -0.87 0.79
C ARG B 156 26.42 -1.90 0.50
N LYS B 157 26.13 -2.87 -0.38
CA LYS B 157 27.09 -3.89 -0.81
C LYS B 157 28.08 -3.28 -1.79
N ARG B 158 27.61 -2.32 -2.61
CA ARG B 158 28.43 -1.58 -3.58
C ARG B 158 29.37 -0.67 -2.85
N GLN B 159 28.88 -0.01 -1.79
CA GLN B 159 29.62 0.89 -0.91
C GLN B 159 30.85 0.20 -0.33
N GLU B 160 30.71 -1.08 0.08
CA GLU B 160 31.79 -1.90 0.63
C GLU B 160 32.98 -1.98 -0.36
N GLU B 161 32.65 -2.16 -1.64
CA GLU B 161 33.63 -2.30 -2.72
C GLU B 161 34.24 -0.97 -3.15
N ASP B 162 33.41 0.07 -3.34
CA ASP B 162 33.85 1.40 -3.81
C ASP B 162 34.14 2.35 -2.65
N LYS B 163 35.45 2.58 -2.38
CA LYS B 163 35.99 3.46 -1.34
C LYS B 163 35.56 4.92 -1.53
N LEU B 164 35.19 5.29 -2.78
CA LEU B 164 34.74 6.65 -3.14
C LEU B 164 33.45 7.04 -2.43
N LEU B 165 32.64 6.04 -2.06
CA LEU B 165 31.35 6.23 -1.40
C LEU B 165 31.37 5.85 0.10
N SER B 166 32.57 5.54 0.64
CA SER B 166 32.81 5.12 2.01
C SER B 166 32.27 6.07 3.06
N LYS B 167 32.41 7.39 2.85
CA LYS B 167 31.99 8.44 3.77
C LYS B 167 30.62 9.09 3.43
N HIS B 168 29.97 8.67 2.32
CA HIS B 168 28.70 9.25 1.92
C HIS B 168 27.55 8.71 2.78
N ILE B 169 26.63 9.59 3.17
CA ILE B 169 25.52 9.22 4.08
C ILE B 169 24.18 9.01 3.36
N VAL B 170 23.43 8.00 3.81
CA VAL B 170 22.11 7.72 3.27
C VAL B 170 21.09 7.70 4.42
N GLY B 171 20.16 8.66 4.36
CA GLY B 171 19.00 8.71 5.23
C GLY B 171 17.80 8.06 4.54
N VAL B 172 16.77 7.70 5.34
CA VAL B 172 15.55 7.09 4.81
C VAL B 172 14.37 7.81 5.44
N SER B 173 13.53 8.44 4.60
CA SER B 173 12.30 9.10 5.00
C SER B 173 11.17 8.04 5.01
N ILE B 174 10.42 7.98 6.12
CA ILE B 174 9.36 6.99 6.34
C ILE B 174 8.02 7.71 6.59
N GLY B 175 6.96 7.16 6.04
CA GLY B 175 5.62 7.70 6.17
C GLY B 175 4.60 6.59 6.33
N LYS B 176 3.36 6.89 6.00
CA LYS B 176 2.27 5.91 6.07
C LYS B 176 1.62 5.86 4.74
N ASN B 177 1.00 4.72 4.46
CA ASN B 177 0.13 4.53 3.32
C ASN B 177 -1.08 5.40 3.57
N LYS B 178 -1.70 5.85 2.48
CA LYS B 178 -2.88 6.70 2.45
C LYS B 178 -3.98 6.21 3.39
N ASP B 179 -4.35 4.90 3.32
CA ASP B 179 -5.44 4.30 4.09
C ASP B 179 -5.11 3.85 5.52
N THR B 180 -3.82 3.95 5.96
CA THR B 180 -3.40 3.57 7.30
C THR B 180 -4.02 4.48 8.34
N VAL B 181 -4.76 3.91 9.31
CA VAL B 181 -5.39 4.74 10.34
C VAL B 181 -4.32 5.20 11.41
N ASN B 182 -3.51 4.25 11.94
CA ASN B 182 -2.47 4.50 12.91
C ASN B 182 -1.07 4.54 12.27
N ILE B 183 -0.56 5.74 12.05
CA ILE B 183 0.72 6.04 11.41
C ILE B 183 1.91 5.28 12.05
N VAL B 184 1.88 5.04 13.38
CA VAL B 184 2.97 4.37 14.12
C VAL B 184 3.20 2.95 13.59
N ASP B 185 2.12 2.25 13.21
CA ASP B 185 2.19 0.90 12.66
C ASP B 185 3.09 0.86 11.43
N ASP B 186 2.90 1.81 10.54
CA ASP B 186 3.67 1.95 9.32
C ASP B 186 5.12 2.33 9.58
N LEU B 187 5.34 3.28 10.53
CA LEU B 187 6.67 3.72 10.90
C LEU B 187 7.47 2.57 11.47
N LYS B 188 6.83 1.77 12.34
CA LYS B 188 7.46 0.59 12.96
C LYS B 188 7.85 -0.44 11.92
N TYR B 189 6.94 -0.72 10.94
CA TYR B 189 7.17 -1.65 9.83
C TYR B 189 8.43 -1.25 9.06
N CYS B 190 8.49 0.00 8.63
CA CYS B 190 9.64 0.53 7.90
C CYS B 190 10.94 0.41 8.68
N ILE B 191 10.94 0.73 10.00
CA ILE B 191 12.15 0.63 10.83
C ILE B 191 12.64 -0.81 10.91
N ASN B 192 11.70 -1.74 11.09
CA ASN B 192 12.01 -3.17 11.20
C ASN B 192 12.56 -3.77 9.91
N LYS B 193 12.33 -3.15 8.75
CA LYS B 193 12.85 -3.66 7.49
C LYS B 193 14.10 -2.94 7.02
N ILE B 194 14.06 -1.60 6.97
CA ILE B 194 15.15 -0.78 6.43
C ILE B 194 16.09 -0.10 7.49
N GLY B 195 15.66 0.00 8.76
CA GLY B 195 16.45 0.66 9.81
C GLY B 195 17.94 0.35 9.81
N ARG B 196 18.29 -0.95 9.76
CA ARG B 196 19.64 -1.55 9.74
C ARG B 196 20.59 -0.94 8.70
N TYR B 197 20.03 -0.50 7.55
CA TYR B 197 20.77 0.00 6.38
C TYR B 197 20.75 1.52 6.26
N ALA B 198 20.08 2.20 7.21
CA ALA B 198 19.99 3.67 7.23
C ALA B 198 20.98 4.25 8.23
N ASP B 199 21.51 5.45 7.93
CA ASP B 199 22.42 6.20 8.80
C ASP B 199 21.55 7.08 9.69
N TYR B 200 20.41 7.50 9.15
CA TYR B 200 19.38 8.21 9.86
C TYR B 200 18.01 7.89 9.24
N ILE B 201 16.96 8.08 10.04
CA ILE B 201 15.55 7.92 9.71
C ILE B 201 14.90 9.29 9.83
N ALA B 202 14.22 9.75 8.78
CA ALA B 202 13.50 11.02 8.85
C ALA B 202 11.99 10.72 9.00
N ILE B 203 11.36 11.13 10.13
CA ILE B 203 9.92 10.90 10.27
C ILE B 203 9.19 12.00 9.46
N ASN B 204 8.41 11.57 8.45
CA ASN B 204 7.63 12.47 7.60
C ASN B 204 6.22 12.63 8.12
N VAL B 205 5.96 13.75 8.79
CA VAL B 205 4.64 14.13 9.29
C VAL B 205 4.21 15.45 8.61
N SER B 206 4.88 15.79 7.49
CA SER B 206 4.68 17.10 6.87
C SER B 206 4.29 17.12 5.41
N SER B 207 4.04 15.95 4.77
CA SER B 207 3.58 15.98 3.38
C SER B 207 2.22 16.62 3.35
N PRO B 208 2.00 17.59 2.43
CA PRO B 208 0.65 18.17 2.30
C PRO B 208 -0.26 17.29 1.43
N ASN B 209 0.32 16.28 0.74
CA ASN B 209 -0.36 15.44 -0.25
C ASN B 209 -0.91 14.09 0.27
N THR B 210 -0.85 13.83 1.58
CA THR B 210 -1.46 12.64 2.17
C THR B 210 -2.46 13.13 3.22
N PRO B 211 -3.78 13.10 2.95
CA PRO B 211 -4.72 13.51 4.00
C PRO B 211 -4.67 12.43 5.10
N GLY B 212 -4.58 12.80 6.37
CA GLY B 212 -4.35 14.11 6.94
C GLY B 212 -3.11 13.92 7.80
N LEU B 213 -1.99 13.61 7.12
CA LEU B 213 -0.70 13.37 7.71
C LEU B 213 -0.18 14.47 8.68
N ARG B 214 -0.45 15.75 8.34
CA ARG B 214 0.08 16.90 9.08
C ARG B 214 -0.51 17.06 10.46
N ASP B 215 -1.68 16.43 10.76
CA ASP B 215 -2.33 16.42 12.08
C ASP B 215 -1.41 15.83 13.15
N ASN B 216 -0.51 14.92 12.72
CA ASN B 216 0.49 14.20 13.48
C ASN B 216 1.61 15.11 14.00
N GLN B 217 1.57 16.41 13.60
CA GLN B 217 2.49 17.42 14.09
C GLN B 217 2.00 17.97 15.41
N GLU B 218 0.73 17.65 15.83
CA GLU B 218 0.18 18.07 17.12
C GLU B 218 1.09 17.47 18.17
N ALA B 219 1.57 18.31 19.09
CA ALA B 219 2.56 17.98 20.13
C ALA B 219 2.39 16.59 20.78
N GLY B 220 1.21 16.29 21.29
CA GLY B 220 0.87 15.00 21.91
C GLY B 220 1.07 13.81 20.98
N LYS B 221 0.57 13.92 19.74
CA LYS B 221 0.73 12.86 18.74
C LYS B 221 2.20 12.73 18.34
N LEU B 222 2.89 13.89 18.16
CA LEU B 222 4.29 13.86 17.73
C LEU B 222 5.18 13.18 18.76
N LYS B 223 4.98 13.48 20.05
CA LYS B 223 5.73 12.87 21.17
C LYS B 223 5.65 11.33 21.11
N ASN B 224 4.43 10.77 20.93
CA ASN B 224 4.20 9.32 20.82
C ASN B 224 4.89 8.76 19.58
N ILE B 225 4.88 9.52 18.48
CA ILE B 225 5.49 9.09 17.21
C ILE B 225 7.01 8.95 17.40
N ILE B 226 7.65 9.98 17.96
CA ILE B 226 9.09 10.04 18.20
C ILE B 226 9.53 8.90 19.11
N LEU B 227 8.84 8.76 20.27
CA LEU B 227 9.17 7.73 21.26
C LEU B 227 8.96 6.31 20.72
N SER B 228 7.92 6.11 19.87
CA SER B 228 7.66 4.81 19.26
C SER B 228 8.73 4.48 18.24
N VAL B 229 9.11 5.46 17.39
CA VAL B 229 10.15 5.27 16.37
C VAL B 229 11.49 4.92 17.09
N LYS B 230 11.83 5.69 18.13
CA LYS B 230 13.04 5.51 18.90
C LYS B 230 13.05 4.17 19.62
N GLU B 231 11.90 3.76 20.17
CA GLU B 231 11.76 2.47 20.86
C GLU B 231 11.97 1.35 19.83
N GLU B 232 11.54 1.56 18.59
CA GLU B 232 11.71 0.56 17.53
C GLU B 232 13.14 0.37 17.09
N ILE B 233 13.85 1.48 16.89
CA ILE B 233 15.27 1.47 16.52
C ILE B 233 16.08 0.82 17.64
N ASP B 234 15.80 1.20 18.92
CA ASP B 234 16.47 0.68 20.11
C ASP B 234 16.29 -0.82 20.23
N ASN B 235 15.14 -1.33 19.75
CA ASN B 235 14.81 -2.76 19.74
C ASN B 235 15.42 -3.55 18.62
N LEU B 236 15.86 -2.92 17.51
CA LEU B 236 16.52 -3.67 16.41
C LEU B 236 17.68 -4.51 16.95
N GLU B 237 18.45 -3.94 17.92
CA GLU B 237 19.59 -4.54 18.63
C GLU B 237 19.12 -5.82 19.37
N LYS B 238 18.27 -5.68 20.44
CA LYS B 238 17.69 -6.79 21.23
C LYS B 238 17.03 -7.87 20.38
N ASN B 239 16.23 -7.48 19.36
CA ASN B 239 15.53 -8.42 18.46
C ASN B 239 16.48 -9.32 17.63
N ASN B 240 17.73 -8.84 17.37
CA ASN B 240 18.73 -9.55 16.57
C ASN B 240 20.09 -9.58 17.27
N ASP B 244 26.94 -4.89 15.66
CA ASP B 244 27.07 -3.46 15.40
C ASP B 244 27.80 -3.13 14.07
N GLU B 245 28.75 -3.98 13.65
CA GLU B 245 29.45 -3.83 12.38
C GLU B 245 28.69 -4.68 11.34
N PHE B 246 28.18 -5.83 11.81
CA PHE B 246 27.35 -6.83 11.10
C PHE B 246 25.88 -6.33 11.04
N LEU B 247 25.31 -5.94 12.20
CA LEU B 247 23.95 -5.43 12.33
C LEU B 247 23.78 -4.08 11.60
N TRP B 248 24.62 -3.08 11.91
CA TRP B 248 24.51 -1.80 11.23
C TRP B 248 25.27 -1.84 9.90
N PHE B 249 24.53 -2.16 8.81
CA PHE B 249 25.02 -2.26 7.44
C PHE B 249 24.74 -0.91 6.77
N ASN B 250 25.37 0.13 7.32
CA ASN B 250 25.23 1.52 6.90
C ASN B 250 26.63 2.17 6.90
N THR B 251 26.73 3.52 6.82
CA THR B 251 28.01 4.24 6.81
C THR B 251 28.61 4.32 8.23
N THR B 252 27.83 4.90 9.17
CA THR B 252 28.15 5.16 10.57
C THR B 252 28.52 3.92 11.40
N LYS B 253 27.91 2.75 11.09
CA LYS B 253 28.07 1.46 11.80
C LYS B 253 27.53 1.54 13.21
N LYS B 254 26.55 2.43 13.37
CA LYS B 254 25.83 2.73 14.59
C LYS B 254 24.32 2.68 14.28
N LYS B 255 23.48 2.64 15.34
CA LYS B 255 22.04 2.68 15.14
C LYS B 255 21.65 4.00 14.44
N PRO B 256 20.65 3.99 13.51
CA PRO B 256 20.33 5.25 12.82
C PRO B 256 19.85 6.33 13.76
N LEU B 257 20.22 7.57 13.44
CA LEU B 257 19.76 8.78 14.12
C LEU B 257 18.30 9.06 13.68
N VAL B 258 17.55 9.79 14.50
CA VAL B 258 16.14 10.08 14.23
C VAL B 258 15.96 11.57 13.99
N PHE B 259 15.46 11.92 12.82
CA PHE B 259 15.12 13.29 12.46
C PHE B 259 13.61 13.34 12.27
N VAL B 260 13.05 14.54 12.27
CA VAL B 260 11.62 14.82 12.05
C VAL B 260 11.53 15.92 11.00
N LYS B 261 10.72 15.71 9.96
CA LYS B 261 10.54 16.73 8.93
C LYS B 261 9.22 17.42 9.19
N LEU B 262 9.29 18.74 9.36
CA LEU B 262 8.19 19.63 9.69
C LEU B 262 7.71 20.47 8.55
N ALA B 263 6.42 20.85 8.58
CA ALA B 263 5.76 21.66 7.57
C ALA B 263 5.92 23.12 7.92
N PRO B 264 6.11 24.04 6.96
CA PRO B 264 6.20 25.48 7.35
C PRO B 264 4.85 26.10 7.71
N ASP B 265 3.76 25.42 7.41
CA ASP B 265 2.40 25.91 7.63
C ASP B 265 1.88 25.56 9.01
N LEU B 266 2.47 26.21 10.02
CA LEU B 266 2.09 26.05 11.43
C LEU B 266 2.09 27.43 12.05
N ASN B 267 1.33 27.64 13.12
CA ASN B 267 1.37 28.92 13.82
C ASN B 267 2.50 28.89 14.88
N GLN B 268 2.70 30.00 15.60
CA GLN B 268 3.73 30.12 16.65
C GLN B 268 3.49 29.20 17.83
N GLU B 269 2.23 29.10 18.27
CA GLU B 269 1.82 28.23 19.39
C GLU B 269 2.19 26.79 19.10
N GLN B 270 1.96 26.31 17.86
CA GLN B 270 2.30 24.97 17.40
C GLN B 270 3.80 24.76 17.36
N LYS B 271 4.55 25.71 16.78
CA LYS B 271 6.02 25.64 16.69
C LYS B 271 6.65 25.50 18.05
N LYS B 272 6.17 26.28 19.04
CA LYS B 272 6.64 26.22 20.41
C LYS B 272 6.28 24.86 21.06
N GLU B 273 5.02 24.40 20.96
CA GLU B 273 4.61 23.13 21.52
C GLU B 273 5.46 21.94 20.98
N ILE B 274 5.81 21.99 19.67
CA ILE B 274 6.63 21.00 18.97
C ILE B 274 8.05 21.04 19.50
N ALA B 275 8.61 22.26 19.62
CA ALA B 275 9.96 22.54 20.15
C ALA B 275 10.16 21.91 21.53
N ASP B 276 9.15 22.01 22.42
CA ASP B 276 9.18 21.41 23.76
C ASP B 276 9.27 19.89 23.67
N VAL B 277 8.46 19.27 22.77
CA VAL B 277 8.40 17.84 22.51
C VAL B 277 9.79 17.34 22.00
N LEU B 278 10.40 18.07 21.05
CA LEU B 278 11.70 17.71 20.50
C LEU B 278 12.76 17.67 21.61
N LEU B 279 12.75 18.68 22.53
CA LEU B 279 13.64 18.76 23.68
C LEU B 279 13.43 17.58 24.64
N GLU B 280 12.16 17.24 24.94
CA GLU B 280 11.88 16.15 25.86
C GLU B 280 12.19 14.75 25.23
N THR B 281 11.85 14.57 23.96
CA THR B 281 12.03 13.28 23.32
C THR B 281 13.46 13.05 22.81
N ASN B 282 14.28 14.12 22.76
CA ASN B 282 15.69 14.13 22.35
C ASN B 282 15.84 13.62 20.93
N ILE B 283 15.24 14.38 20.00
CA ILE B 283 15.28 14.09 18.55
C ILE B 283 16.70 14.46 18.11
N ASP B 284 17.31 13.68 17.20
CA ASP B 284 18.70 13.98 16.81
C ASP B 284 18.83 15.18 15.88
N GLY B 285 17.73 15.59 15.27
CA GLY B 285 17.70 16.72 14.38
C GLY B 285 16.33 17.00 13.82
N MET B 286 16.21 18.16 13.16
CA MET B 286 14.95 18.56 12.57
C MET B 286 15.16 19.13 11.20
N ILE B 287 14.35 18.63 10.25
CA ILE B 287 14.35 19.06 8.84
C ILE B 287 13.34 20.14 8.70
N ILE B 288 13.83 21.33 8.51
CA ILE B 288 13.04 22.53 8.38
C ILE B 288 13.33 23.06 7.01
N SER B 289 12.41 22.86 6.07
CA SER B 289 11.05 22.35 6.19
C SER B 289 10.60 21.63 4.92
N ASN B 290 9.37 21.11 4.96
CA ASN B 290 8.74 20.53 3.80
C ASN B 290 8.12 21.67 2.95
N THR B 291 7.33 21.29 1.93
CA THR B 291 6.66 22.24 1.05
C THR B 291 5.54 22.99 1.79
N THR B 292 5.10 24.11 1.20
CA THR B 292 4.06 24.98 1.75
C THR B 292 2.79 24.97 0.91
N THR B 293 1.63 25.14 1.57
CA THR B 293 0.31 25.27 0.94
C THR B 293 -0.15 26.74 1.10
N GLN B 294 0.77 27.66 1.47
CA GLN B 294 0.50 29.08 1.73
C GLN B 294 0.82 30.03 0.58
N ILE B 295 1.37 29.53 -0.54
CA ILE B 295 1.71 30.43 -1.65
C ILE B 295 0.52 30.53 -2.62
N ASN B 296 0.10 31.78 -2.87
CA ASN B 296 -1.08 32.13 -3.67
C ASN B 296 -0.75 32.96 -4.91
N ASP B 297 0.46 33.53 -4.97
CA ASP B 297 0.81 34.44 -6.05
C ASP B 297 1.62 33.82 -7.23
N ILE B 298 1.60 32.48 -7.41
CA ILE B 298 2.22 31.91 -8.61
C ILE B 298 1.11 31.65 -9.64
N LYS B 299 1.12 32.47 -10.70
CA LYS B 299 0.14 32.39 -11.76
C LYS B 299 -0.04 31.01 -12.36
N SER B 300 1.02 30.35 -12.86
CA SER B 300 0.90 29.04 -13.50
C SER B 300 0.37 27.93 -12.57
N PHE B 301 0.38 28.17 -11.24
CA PHE B 301 -0.07 27.21 -10.23
C PHE B 301 -1.48 27.50 -9.66
N GLU B 302 -2.19 28.53 -10.19
CA GLU B 302 -3.52 28.94 -9.70
C GLU B 302 -4.58 27.82 -9.68
N ASN B 303 -4.62 26.96 -10.71
CA ASN B 303 -5.56 25.85 -10.80
C ASN B 303 -4.97 24.51 -10.35
N LYS B 304 -3.84 24.56 -9.59
CA LYS B 304 -3.11 23.38 -9.17
C LYS B 304 -3.16 23.12 -7.66
N LYS B 305 -3.00 21.85 -7.29
CA LYS B 305 -3.08 21.34 -5.93
C LYS B 305 -1.72 20.81 -5.47
N GLY B 306 -1.47 20.90 -4.16
CA GLY B 306 -0.24 20.39 -3.56
C GLY B 306 0.58 21.38 -2.79
N GLY B 307 1.86 21.05 -2.62
CA GLY B 307 2.85 21.85 -1.90
C GLY B 307 3.85 22.49 -2.85
N VAL B 308 4.20 23.75 -2.54
CA VAL B 308 5.11 24.62 -3.29
C VAL B 308 6.55 24.57 -2.70
N SER B 309 7.55 24.40 -3.61
CA SER B 309 9.00 24.32 -3.37
C SER B 309 9.67 25.40 -4.22
N GLY B 310 10.95 25.63 -3.97
CA GLY B 310 11.73 26.56 -4.76
C GLY B 310 11.99 27.88 -4.10
N ALA B 311 12.38 28.87 -4.93
CA ALA B 311 12.78 30.23 -4.53
C ALA B 311 11.76 30.91 -3.64
N LYS B 312 10.47 30.74 -3.93
CA LYS B 312 9.37 31.32 -3.16
C LYS B 312 9.25 30.77 -1.72
N LEU B 313 9.83 29.59 -1.45
CA LEU B 313 9.80 28.96 -0.13
C LEU B 313 10.94 29.43 0.77
N LYS B 314 12.06 29.95 0.19
CA LYS B 314 13.29 30.38 0.90
C LYS B 314 13.05 31.20 2.18
N ASP B 315 12.44 32.41 2.09
CA ASP B 315 12.18 33.30 3.21
C ASP B 315 11.32 32.69 4.33
N ILE B 316 10.25 32.01 3.95
CA ILE B 316 9.34 31.33 4.88
C ILE B 316 10.14 30.31 5.70
N SER B 317 10.93 29.52 4.98
CA SER B 317 11.75 28.42 5.43
C SER B 317 12.90 28.84 6.35
N THR B 318 13.63 29.91 5.99
CA THR B 318 14.74 30.44 6.78
C THR B 318 14.19 31.06 8.08
N LYS B 319 13.01 31.72 8.02
CA LYS B 319 12.37 32.31 9.20
C LYS B 319 11.99 31.21 10.17
N PHE B 320 11.49 30.07 9.66
CA PHE B 320 11.12 28.87 10.42
C PHE B 320 12.35 28.22 11.10
N ILE B 321 13.55 28.26 10.46
CA ILE B 321 14.80 27.79 11.09
C ILE B 321 15.11 28.69 12.30
N CYS B 322 15.13 30.02 12.14
CA CYS B 322 15.38 30.97 13.24
C CYS B 322 14.44 30.67 14.41
N GLU B 323 13.13 30.53 14.10
CA GLU B 323 12.08 30.29 15.08
C GLU B 323 12.35 29.05 15.91
N MET B 324 12.62 27.93 15.24
CA MET B 324 12.84 26.64 15.87
C MET B 324 14.15 26.54 16.55
N TYR B 325 15.20 27.11 15.94
CA TYR B 325 16.55 27.18 16.53
C TYR B 325 16.45 27.89 17.87
N ASN B 326 15.57 28.89 17.99
CA ASN B 326 15.38 29.62 19.23
C ASN B 326 14.42 28.87 20.19
N TYR B 327 13.31 28.35 19.69
CA TYR B 327 12.34 27.61 20.48
C TYR B 327 12.97 26.37 21.18
N THR B 328 13.97 25.74 20.53
CA THR B 328 14.68 24.56 21.03
C THR B 328 15.94 24.93 21.77
N ASN B 329 16.17 26.25 21.98
CA ASN B 329 17.30 26.81 22.72
C ASN B 329 18.66 26.34 22.17
N LYS B 330 18.73 26.21 20.82
CA LYS B 330 19.89 25.79 20.02
C LYS B 330 20.33 24.34 20.33
N GLN B 331 19.45 23.53 20.94
CA GLN B 331 19.77 22.16 21.34
C GLN B 331 19.56 21.11 20.31
N ILE B 332 18.72 21.41 19.30
CA ILE B 332 18.38 20.46 18.27
C ILE B 332 19.02 20.83 16.91
N PRO B 333 19.94 20.00 16.38
CA PRO B 333 20.55 20.31 15.07
C PRO B 333 19.52 20.46 13.94
N ILE B 334 19.74 21.43 13.02
CA ILE B 334 18.80 21.70 11.93
C ILE B 334 19.35 21.32 10.53
N ILE B 335 18.50 20.66 9.75
CA ILE B 335 18.72 20.29 8.34
C ILE B 335 17.85 21.26 7.55
N ALA B 336 18.47 22.16 6.77
CA ALA B 336 17.76 23.17 5.98
C ALA B 336 17.24 22.60 4.66
N SER B 337 16.03 23.06 4.25
CA SER B 337 15.28 22.72 3.02
C SER B 337 14.10 23.74 3.04
N GLY B 338 13.83 24.57 2.04
CA GLY B 338 14.44 24.66 0.74
C GLY B 338 14.47 26.10 0.27
N GLY B 339 14.50 26.25 -1.04
CA GLY B 339 14.69 27.55 -1.64
C GLY B 339 16.18 27.82 -1.76
N ILE B 340 17.01 26.79 -1.48
CA ILE B 340 18.47 26.85 -1.59
C ILE B 340 18.92 26.61 -3.03
N PHE B 341 19.52 27.66 -3.63
CA PHE B 341 20.03 27.67 -5.00
C PHE B 341 21.47 28.16 -5.03
N SER B 342 21.78 29.21 -4.25
CA SER B 342 23.11 29.81 -4.22
C SER B 342 23.84 29.59 -2.91
N GLY B 343 25.11 29.99 -2.88
CA GLY B 343 25.94 29.91 -1.69
C GLY B 343 25.44 30.88 -0.63
N LEU B 344 24.86 32.01 -1.08
CA LEU B 344 24.26 33.03 -0.22
C LEU B 344 23.03 32.45 0.46
N ASP B 345 22.24 31.65 -0.29
CA ASP B 345 21.06 30.94 0.20
C ASP B 345 21.49 29.97 1.29
N ALA B 346 22.51 29.12 1.03
CA ALA B 346 23.06 28.15 1.97
C ALA B 346 23.64 28.83 3.24
N LEU B 347 24.37 29.94 3.08
CA LEU B 347 24.95 30.67 4.21
C LEU B 347 23.84 31.23 5.12
N GLU B 348 22.77 31.78 4.50
CA GLU B 348 21.59 32.33 5.18
C GLU B 348 21.00 31.30 6.11
N LYS B 349 20.85 30.06 5.63
CA LYS B 349 20.30 28.92 6.36
C LYS B 349 21.21 28.53 7.51
N ILE B 350 22.54 28.46 7.25
CA ILE B 350 23.54 28.10 8.24
C ILE B 350 23.54 29.13 9.37
N GLU B 351 23.64 30.44 9.05
CA GLU B 351 23.61 31.53 10.04
C GLU B 351 22.28 31.58 10.79
N ALA B 352 21.20 31.03 10.18
CA ALA B 352 19.88 30.96 10.80
C ALA B 352 19.88 29.85 11.87
N GLY B 353 20.73 28.83 11.71
CA GLY B 353 20.83 27.73 12.68
C GLY B 353 21.07 26.34 12.11
N ALA B 354 21.07 26.19 10.77
CA ALA B 354 21.26 24.89 10.12
C ALA B 354 22.73 24.44 10.08
N SER B 355 22.95 23.10 10.19
CA SER B 355 24.26 22.45 10.16
C SER B 355 24.57 21.95 8.75
N VAL B 356 23.54 21.46 8.02
CA VAL B 356 23.58 20.97 6.64
C VAL B 356 22.39 21.53 5.89
N CYS B 357 22.50 21.52 4.54
CA CYS B 357 21.48 21.96 3.59
C CYS B 357 21.05 20.79 2.70
N GLN B 358 19.78 20.81 2.27
CA GLN B 358 19.25 19.81 1.35
C GLN B 358 18.73 20.52 0.13
N LEU B 359 19.02 19.96 -1.05
CA LEU B 359 18.57 20.56 -2.29
C LEU B 359 17.60 19.68 -3.00
N TYR B 360 16.65 20.33 -3.67
CA TYR B 360 15.69 19.67 -4.50
C TYR B 360 15.47 20.53 -5.76
N SER B 361 14.74 21.66 -5.61
CA SER B 361 14.40 22.58 -6.71
C SER B 361 15.61 23.08 -7.46
N CYS B 362 16.75 23.17 -6.77
CA CYS B 362 18.01 23.56 -7.38
C CYS B 362 18.40 22.59 -8.52
N LEU B 363 18.35 21.25 -8.30
CA LEU B 363 18.66 20.25 -9.34
C LEU B 363 17.69 20.31 -10.54
N VAL B 364 16.46 20.81 -10.32
CA VAL B 364 15.40 20.92 -11.33
C VAL B 364 15.62 22.15 -12.24
N PHE B 365 16.13 23.27 -11.70
CA PHE B 365 16.32 24.49 -12.48
C PHE B 365 17.78 24.72 -12.91
N ASN B 366 18.76 24.35 -12.05
CA ASN B 366 20.20 24.46 -12.30
C ASN B 366 20.79 23.19 -12.94
N GLY B 367 20.14 22.04 -12.74
CA GLY B 367 20.58 20.77 -13.30
C GLY B 367 21.71 20.07 -12.56
N MET B 368 22.55 19.37 -13.32
CA MET B 368 23.68 18.57 -12.84
C MET B 368 24.85 19.38 -12.24
N LYS B 369 24.99 20.65 -12.61
CA LYS B 369 26.03 21.55 -12.11
C LYS B 369 25.81 21.99 -10.64
N SER B 370 24.58 21.78 -10.11
CA SER B 370 24.11 22.17 -8.76
C SER B 370 25.13 22.06 -7.64
N ALA B 371 25.57 20.83 -7.30
CA ALA B 371 26.51 20.57 -6.20
C ALA B 371 27.86 21.25 -6.35
N VAL B 372 28.53 21.04 -7.49
CA VAL B 372 29.86 21.61 -7.79
C VAL B 372 29.91 23.15 -7.63
N GLN B 373 28.86 23.82 -8.15
CA GLN B 373 28.68 25.28 -8.16
C GLN B 373 28.35 25.85 -6.78
N ILE B 374 27.37 25.26 -6.07
CA ILE B 374 26.91 25.71 -4.76
C ILE B 374 28.02 25.57 -3.70
N LYS B 375 28.81 24.48 -3.79
CA LYS B 375 29.96 24.21 -2.90
C LYS B 375 31.01 25.29 -3.07
N ARG B 376 31.19 25.77 -4.32
CA ARG B 376 32.15 26.82 -4.68
C ARG B 376 31.72 28.18 -4.12
N GLU B 377 30.46 28.61 -4.45
CA GLU B 377 29.84 29.87 -4.00
C GLU B 377 29.95 30.03 -2.48
N LEU B 378 29.68 28.92 -1.74
CA LEU B 378 29.75 28.87 -0.29
C LEU B 378 31.19 29.05 0.24
N ASN B 379 32.16 28.31 -0.34
CA ASN B 379 33.57 28.39 0.06
C ASN B 379 34.09 29.81 -0.05
N HIS B 380 33.73 30.50 -1.17
CA HIS B 380 34.09 31.89 -1.44
C HIS B 380 33.51 32.80 -0.36
N LEU B 381 32.23 32.58 -0.01
CA LEU B 381 31.51 33.32 1.02
C LEU B 381 32.11 33.14 2.41
N LEU B 382 32.45 31.89 2.80
CA LEU B 382 33.05 31.56 4.09
C LEU B 382 34.39 32.28 4.31
N TYR B 383 35.16 32.50 3.23
CA TYR B 383 36.42 33.23 3.26
C TYR B 383 36.10 34.71 3.42
N GLN B 384 35.25 35.25 2.52
CA GLN B 384 34.81 36.65 2.46
C GLN B 384 34.23 37.16 3.80
N ARG B 385 33.39 36.32 4.46
CA ARG B 385 32.73 36.65 5.73
C ARG B 385 33.61 36.45 6.97
N GLY B 386 34.88 36.09 6.75
CA GLY B 386 35.87 35.91 7.79
C GLY B 386 35.66 34.74 8.75
N TYR B 387 35.05 33.64 8.24
CA TYR B 387 34.82 32.41 9.01
C TYR B 387 35.96 31.42 8.76
N TYR B 388 36.52 30.80 9.82
CA TYR B 388 37.59 29.81 9.67
C TYR B 388 37.02 28.57 8.98
N ASN B 389 35.89 28.08 9.48
CA ASN B 389 35.16 26.94 8.96
C ASN B 389 33.66 27.19 9.03
N LEU B 390 32.85 26.34 8.37
CA LEU B 390 31.39 26.39 8.34
C LEU B 390 30.79 26.25 9.75
N LYS B 391 31.38 25.38 10.58
CA LYS B 391 30.88 25.12 11.94
C LYS B 391 30.73 26.38 12.80
N GLU B 392 31.53 27.43 12.49
CA GLU B 392 31.59 28.74 13.14
C GLU B 392 30.42 29.64 12.68
N ALA B 393 29.86 29.35 11.50
CA ALA B 393 28.75 30.11 10.92
C ALA B 393 27.38 29.69 11.45
N ILE B 394 27.27 28.45 12.00
CA ILE B 394 26.02 27.85 12.52
C ILE B 394 25.39 28.74 13.61
N GLY B 395 24.17 29.22 13.32
CA GLY B 395 23.38 30.08 14.20
C GLY B 395 23.96 31.45 14.52
N ARG B 396 24.89 31.96 13.67
CA ARG B 396 25.54 33.24 13.90
C ARG B 396 24.67 34.47 13.63
N LYS B 397 23.44 34.31 13.14
CA LYS B 397 22.50 35.43 12.98
C LYS B 397 21.98 35.82 14.41
N HIS B 398 21.88 34.79 15.29
CA HIS B 398 21.42 34.82 16.68
C HIS B 398 22.60 35.04 17.67
N SER B 399 23.77 35.47 17.14
CA SER B 399 25.01 35.78 17.85
C SER B 399 25.60 34.61 18.63
N1 FMN C . -14.66 -19.34 -7.33
C2 FMN C . -14.56 -18.17 -8.00
O2 FMN C . -13.75 -17.31 -7.65
N3 FMN C . -15.40 -17.91 -9.09
C4 FMN C . -16.39 -18.76 -9.57
O4 FMN C . -17.10 -18.39 -10.50
C4A FMN C . -16.46 -20.05 -8.85
N5 FMN C . -17.34 -20.94 -9.26
C5A FMN C . -17.43 -22.14 -8.53
C6 FMN C . -18.41 -23.07 -8.87
C7 FMN C . -18.61 -24.24 -8.12
C7M FMN C . -19.71 -25.19 -8.51
C8 FMN C . -17.79 -24.48 -7.00
C8M FMN C . -17.95 -25.72 -6.16
C9 FMN C . -16.79 -23.57 -6.66
C9A FMN C . -16.61 -22.40 -7.40
N10 FMN C . -15.66 -21.41 -7.03
C10 FMN C . -15.55 -20.24 -7.73
C1' FMN C . -14.78 -21.61 -5.88
C2' FMN C . -15.42 -21.17 -4.56
O2' FMN C . -15.66 -19.75 -4.55
C3' FMN C . -14.54 -21.58 -3.39
O3' FMN C . -13.34 -20.83 -3.51
C4' FMN C . -14.23 -23.07 -3.33
O4' FMN C . -15.40 -23.85 -3.59
C5' FMN C . -13.51 -23.49 -2.06
O5' FMN C . -14.33 -23.24 -0.90
P FMN C . -15.33 -24.37 -0.27
O1P FMN C . -16.37 -24.85 -1.25
O2P FMN C . -15.93 -23.70 0.98
O3P FMN C . -14.44 -25.50 0.22
N1 ORO D . -14.76 -23.23 -10.76
C2 ORO D . -13.86 -23.18 -9.73
O2 ORO D . -13.52 -24.18 -9.11
N3 ORO D . -13.29 -21.94 -9.50
C4 ORO D . -13.53 -20.79 -10.25
O4 ORO D . -12.86 -19.79 -10.04
C5 ORO D . -14.48 -20.92 -11.32
C6 ORO D . -15.07 -22.13 -11.55
C7 ORO D . -15.80 -22.43 -12.82
O71 ORO D . -15.77 -23.66 -13.17
O72 ORO D . -16.54 -21.61 -13.36
N1 F1T E . -26.26 -29.99 -4.22
N3 F1T E . -26.70 -25.90 -3.94
C4 F1T E . -28.07 -30.24 -2.64
C5 F1T E . -26.47 -27.25 -4.00
C6 F1T E . -27.32 -25.07 -2.98
C7 F1T E . -27.65 -23.78 -3.37
C8 F1T E . -28.29 -22.94 -2.47
C10 F1T E . -28.14 -24.61 -0.76
C13 F1T E . -25.45 -27.73 -4.85
F2 F1T E . -29.41 -21.20 -0.68
C12 F1T E . -29.26 -22.44 -0.21
F F1T E . -28.63 -22.32 0.96
F1 F1T E . -30.52 -22.87 0.06
C9 F1T E . -28.55 -23.34 -1.16
C11 F1T E . -27.54 -25.47 -1.67
N2 F1T E . -27.22 -28.06 -3.23
C3 F1T E . -27.11 -29.38 -3.40
C1 F1T E . -24.36 -27.36 -5.69
C F1T E . -23.75 -26.00 -5.93
C2 F1T E . -25.48 -29.14 -4.88
O F1T E . -24.51 -29.55 -5.70
N F1T E . -23.80 -28.41 -6.22
N1 FMN F . 9.78 15.66 1.00
C2 FMN F . 9.77 14.54 1.77
O2 FMN F . 10.11 14.58 2.94
N3 FMN F . 9.39 13.32 1.21
C4 FMN F . 9.00 13.11 -0.10
O4 FMN F . 8.76 11.96 -0.49
C4A FMN F . 9.00 14.36 -0.93
N5 FMN F . 8.62 14.28 -2.19
C5A FMN F . 8.67 15.45 -2.96
C6 FMN F . 8.38 15.38 -4.32
C7 FMN F . 8.50 16.48 -5.16
C7M FMN F . 8.18 16.34 -6.63
C8 FMN F . 8.93 17.71 -4.61
C8M FMN F . 9.10 18.95 -5.46
C9 FMN F . 9.23 17.80 -3.25
C9A FMN F . 9.11 16.67 -2.42
N10 FMN F . 9.47 16.71 -1.05
C10 FMN F . 9.42 15.58 -0.28
C1' FMN F . 9.92 17.95 -0.40
C2' FMN F . 11.42 18.19 -0.61
O2' FMN F . 12.18 17.20 0.07
C3' FMN F . 11.81 19.57 -0.10
O3' FMN F . 11.55 19.59 1.30
C4' FMN F . 11.03 20.71 -0.77
O4' FMN F . 10.94 20.51 -2.18
C5' FMN F . 11.54 22.09 -0.41
O5' FMN F . 12.90 22.27 -0.84
P FMN F . 13.27 22.92 -2.28
O1P FMN F . 12.70 22.14 -3.45
O2P FMN F . 14.81 22.98 -2.30
O3P FMN F . 12.75 24.36 -2.25
N1 ORO G . 5.33 15.98 -1.63
C2 ORO G . 5.80 17.00 -0.83
O2 ORO G . 5.68 18.18 -1.15
N3 ORO G . 6.33 16.61 0.38
C4 ORO G . 6.37 15.30 0.87
O4 ORO G . 6.72 15.10 2.03
C5 ORO G . 5.87 14.29 -0.01
C6 ORO G . 5.34 14.65 -1.23
C7 ORO G . 4.53 13.73 -2.05
O71 ORO G . 4.79 12.53 -2.14
O72 ORO G . 3.67 14.31 -2.80
N1 F1T H . 11.88 19.02 -14.49
N3 F1T H . 14.21 16.28 -12.44
C4 F1T H . 13.73 19.40 -15.99
C5 F1T H . 13.44 17.23 -13.05
C6 F1T H . 15.61 16.05 -12.41
C7 F1T H . 16.07 14.85 -11.90
C8 F1T H . 17.43 14.62 -11.80
C10 F1T H . 17.88 16.81 -12.64
C13 F1T H . 12.14 17.52 -12.53
F2 F1T H . 20.14 14.44 -11.13
C12 F1T H . 19.82 15.32 -12.09
F F1T H . 20.54 16.40 -11.83
F1 F1T H . 20.31 14.81 -13.23
C9 F1T H . 18.35 15.60 -12.16
C11 F1T H . 16.52 17.03 -12.77
N2 F1T H . 13.94 17.87 -14.13
C3 F1T H . 13.15 18.72 -14.80
C1 F1T H . 11.24 17.29 -11.43
C F1T H . 11.47 16.54 -10.16
C2 F1T H . 11.47 18.42 -13.39
O F1T H . 10.26 18.65 -12.85
N F1T H . 10.12 17.93 -11.61
#